data_5BO2
#
_entry.id   5BO2
#
_cell.length_a   94.467
_cell.length_b   78.039
_cell.length_c   102.945
_cell.angle_alpha   90.00
_cell.angle_beta   111.00
_cell.angle_gamma   90.00
#
_symmetry.space_group_name_H-M   'C 1 2 1'
#
loop_
_entity.id
_entity.type
_entity.pdbx_description
1 polymer 'Anthranilate phosphoribosyltransferase'
2 non-polymer '2-[(2-carboxyphenyl)amino]-5-(3-phosphonopropoxy)benzoic acid'
3 non-polymer IMIDAZOLE
4 water water
#
_entity_poly.entity_id   1
_entity_poly.type   'polypeptide(L)'
_entity_poly.pdbx_seq_one_letter_code
;MVALSAEGSSGGSRGGSPKAEAASVPSWPQILGRLTDNRDLARGQAAWAMDQIMTGNARPAQIAAFAVAMTMKAPTADEV
GELAGVMLSHAHPLPADTVPDDAVDVVGTGGDGVNTVNLSTMAAIVVAAAGVPVVKHGNRAASSLSGGADTLEALGVRID
LGPDLVARSLAEVGIGFCFAPRFHPSYRHAAAVRREIGVPTVFNLLGPLTNPARPRAGLIGCAFADLAEVMAGVFAARRS
SVLVVHGDDGLDELTTTTTSTIWRVAAGSVDKLTFDPAGFGFARAQLDQLAGGDAQANAAAVRAVLGGARGPVRDAVVLN
AAGAIVAHAGLSSRAEWLPAWEEGLRRASAAIDTGAAEQLLARWVRFGRQILEHHHHHH
;
_entity_poly.pdbx_strand_id   A,B
#
loop_
_chem_comp.id
_chem_comp.type
_chem_comp.name
_chem_comp.formula
7P1 non-polymer '2-[(2-carboxyphenyl)amino]-5-(3-phosphonopropoxy)benzoic acid' 'C17 H18 N O8 P'
IMD non-polymer IMIDAZOLE 'C3 H5 N2 1'
#
# COMPACT_ATOMS: atom_id res chain seq x y z
N SER A 27 -2.37 -2.64 -16.65
CA SER A 27 -1.06 -2.90 -16.07
C SER A 27 -1.03 -2.54 -14.59
N TRP A 28 -0.01 -3.02 -13.89
CA TRP A 28 0.14 -2.72 -12.47
C TRP A 28 0.42 -1.23 -12.22
N PRO A 29 1.37 -0.64 -12.98
CA PRO A 29 1.57 0.81 -12.83
C PRO A 29 0.28 1.61 -13.06
N GLN A 30 -0.53 1.16 -14.01
CA GLN A 30 -1.80 1.81 -14.30
C GLN A 30 -2.77 1.70 -13.12
N ILE A 31 -3.03 0.47 -12.70
CA ILE A 31 -4.00 0.22 -11.63
C ILE A 31 -3.52 0.77 -10.29
N LEU A 32 -2.29 0.45 -9.91
CA LEU A 32 -1.71 0.95 -8.67
C LEU A 32 -1.69 2.47 -8.66
N GLY A 33 -1.37 3.07 -9.81
CA GLY A 33 -1.35 4.51 -9.94
C GLY A 33 -2.72 5.12 -9.72
N ARG A 34 -3.73 4.48 -10.28
CA ARG A 34 -5.10 4.93 -10.13
C ARG A 34 -5.53 4.88 -8.66
N LEU A 35 -5.10 3.84 -7.96
CA LEU A 35 -5.47 3.67 -6.57
C LEU A 35 -4.75 4.68 -5.67
N THR A 36 -3.46 4.91 -5.91
CA THR A 36 -2.71 5.85 -5.08
C THR A 36 -3.20 7.27 -5.30
N ASP A 37 -3.85 7.50 -6.45
CA ASP A 37 -4.45 8.80 -6.74
C ASP A 37 -5.86 8.89 -6.14
N ASN A 38 -6.25 7.86 -5.38
CA ASN A 38 -7.52 7.84 -4.67
C ASN A 38 -8.73 7.82 -5.61
N ARG A 39 -8.59 7.12 -6.72
CA ARG A 39 -9.68 6.96 -7.69
C ARG A 39 -10.23 5.54 -7.69
N ASP A 40 -11.55 5.43 -7.86
CA ASP A 40 -12.16 4.13 -8.09
C ASP A 40 -11.64 3.56 -9.39
N LEU A 41 -11.54 2.24 -9.47
CA LEU A 41 -11.03 1.58 -10.65
C LEU A 41 -12.09 1.52 -11.75
N ALA A 42 -11.65 1.45 -13.00
CA ALA A 42 -12.56 1.23 -14.12
C ALA A 42 -13.04 -0.20 -14.09
N ARG A 43 -14.19 -0.45 -14.74
CA ARG A 43 -14.72 -1.80 -14.87
C ARG A 43 -13.66 -2.76 -15.39
N GLY A 44 -13.50 -3.89 -14.70
CA GLY A 44 -12.60 -4.93 -15.14
C GLY A 44 -11.19 -4.84 -14.58
N GLN A 45 -10.79 -3.68 -14.09
CA GLN A 45 -9.42 -3.51 -13.61
C GLN A 45 -9.13 -4.33 -12.36
N ALA A 46 -10.04 -4.32 -11.39
CA ALA A 46 -9.86 -5.13 -10.19
C ALA A 46 -9.79 -6.60 -10.57
N ALA A 47 -10.63 -7.02 -11.50
CA ALA A 47 -10.66 -8.40 -11.95
C ALA A 47 -9.32 -8.79 -12.57
N TRP A 48 -8.78 -7.91 -13.42
CA TRP A 48 -7.49 -8.14 -14.03
C TRP A 48 -6.41 -8.29 -12.95
N ALA A 49 -6.42 -7.40 -11.97
CA ALA A 49 -5.46 -7.44 -10.88
C ALA A 49 -5.55 -8.76 -10.13
N MET A 50 -6.77 -9.16 -9.78
CA MET A 50 -6.96 -10.39 -9.03
C MET A 50 -6.53 -11.59 -9.85
N ASP A 51 -6.80 -11.54 -11.15
CA ASP A 51 -6.47 -12.65 -12.03
C ASP A 51 -4.96 -12.82 -12.14
N GLN A 52 -4.24 -11.72 -12.22
CA GLN A 52 -2.78 -11.77 -12.21
C GLN A 52 -2.29 -12.41 -10.91
N ILE A 53 -2.93 -12.05 -9.81
CA ILE A 53 -2.54 -12.57 -8.51
C ILE A 53 -2.80 -14.07 -8.45
N MET A 54 -3.90 -14.49 -9.07
CA MET A 54 -4.34 -15.88 -9.02
C MET A 54 -3.63 -16.77 -10.05
N THR A 55 -2.95 -16.16 -11.02
CA THR A 55 -2.24 -16.91 -12.04
C THR A 55 -0.72 -16.88 -11.82
N GLY A 56 -0.32 -16.50 -10.61
CA GLY A 56 1.09 -16.49 -10.24
C GLY A 56 1.94 -15.53 -11.04
N ASN A 57 1.29 -14.57 -11.69
CA ASN A 57 1.99 -13.56 -12.50
C ASN A 57 2.12 -12.23 -11.76
N ALA A 58 2.12 -12.29 -10.43
CA ALA A 58 2.24 -11.10 -9.59
C ALA A 58 3.30 -11.28 -8.52
N ARG A 59 4.28 -10.39 -8.52
CA ARG A 59 5.33 -10.39 -7.51
C ARG A 59 4.72 -10.09 -6.14
N PRO A 60 5.37 -10.56 -5.06
CA PRO A 60 4.85 -10.25 -3.71
C PRO A 60 4.66 -8.75 -3.48
N ALA A 61 5.60 -7.94 -3.98
CA ALA A 61 5.53 -6.50 -3.80
C ALA A 61 4.31 -5.92 -4.50
N GLN A 62 3.96 -6.49 -5.65
CA GLN A 62 2.80 -6.03 -6.40
C GLN A 62 1.52 -6.43 -5.69
N ILE A 63 1.48 -7.66 -5.19
CA ILE A 63 0.33 -8.13 -4.42
C ILE A 63 0.11 -7.23 -3.22
N ALA A 64 1.19 -6.96 -2.49
CA ALA A 64 1.14 -6.13 -1.30
C ALA A 64 0.72 -4.69 -1.60
N ALA A 65 1.27 -4.12 -2.67
CA ALA A 65 0.92 -2.75 -3.04
C ALA A 65 -0.56 -2.65 -3.38
N PHE A 66 -1.06 -3.63 -4.12
CA PHE A 66 -2.47 -3.66 -4.50
C PHE A 66 -3.36 -3.80 -3.27
N ALA A 67 -3.00 -4.72 -2.40
CA ALA A 67 -3.77 -4.98 -1.18
C ALA A 67 -3.90 -3.72 -0.33
N VAL A 68 -2.77 -3.05 -0.11
CA VAL A 68 -2.76 -1.85 0.72
C VAL A 68 -3.49 -0.70 0.04
N ALA A 69 -3.19 -0.49 -1.24
CA ALA A 69 -3.79 0.63 -1.97
C ALA A 69 -5.29 0.50 -2.07
N MET A 70 -5.77 -0.70 -2.38
CA MET A 70 -7.20 -0.96 -2.50
C MET A 70 -7.89 -0.72 -1.17
N THR A 71 -7.18 -1.00 -0.08
CA THR A 71 -7.74 -0.83 1.26
C THR A 71 -7.83 0.64 1.65
N MET A 72 -6.79 1.41 1.35
CA MET A 72 -6.74 2.79 1.81
C MET A 72 -7.56 3.72 0.92
N LYS A 73 -7.75 3.33 -0.34
CA LYS A 73 -8.63 4.06 -1.24
C LYS A 73 -10.07 3.94 -0.78
N ALA A 74 -10.40 2.78 -0.22
CA ALA A 74 -11.74 2.38 0.22
C ALA A 74 -12.45 1.66 -0.93
N PRO A 75 -12.50 0.32 -0.86
CA PRO A 75 -13.02 -0.43 -2.01
C PRO A 75 -14.53 -0.24 -2.19
N THR A 76 -14.98 -0.33 -3.44
CA THR A 76 -16.39 -0.28 -3.76
C THR A 76 -16.97 -1.70 -3.86
N ALA A 77 -18.29 -1.81 -3.84
CA ALA A 77 -18.96 -3.09 -4.00
C ALA A 77 -18.61 -3.73 -5.35
N ASP A 78 -18.60 -2.92 -6.40
CA ASP A 78 -18.20 -3.40 -7.73
C ASP A 78 -16.82 -4.03 -7.70
N GLU A 79 -15.86 -3.31 -7.10
CA GLU A 79 -14.48 -3.76 -7.06
C GLU A 79 -14.34 -5.06 -6.28
N VAL A 80 -14.95 -5.12 -5.11
CA VAL A 80 -14.88 -6.32 -4.28
C VAL A 80 -15.58 -7.48 -4.98
N GLY A 81 -16.68 -7.17 -5.65
CA GLY A 81 -17.39 -8.15 -6.44
C GLY A 81 -16.51 -8.76 -7.54
N GLU A 82 -15.73 -7.92 -8.20
CA GLU A 82 -14.82 -8.39 -9.24
C GLU A 82 -13.75 -9.29 -8.65
N LEU A 83 -13.22 -8.92 -7.49
CA LEU A 83 -12.20 -9.72 -6.82
C LEU A 83 -12.72 -11.11 -6.47
N ALA A 84 -13.87 -11.18 -5.81
CA ALA A 84 -14.45 -12.45 -5.43
C ALA A 84 -14.81 -13.26 -6.67
N GLY A 85 -15.28 -12.57 -7.71
CA GLY A 85 -15.66 -13.21 -8.96
C GLY A 85 -14.51 -13.98 -9.57
N VAL A 86 -13.33 -13.36 -9.61
CA VAL A 86 -12.15 -13.99 -10.16
C VAL A 86 -11.76 -15.21 -9.33
N MET A 87 -11.77 -15.07 -8.01
CA MET A 87 -11.45 -16.19 -7.13
C MET A 87 -12.36 -17.38 -7.42
N LEU A 88 -13.66 -17.10 -7.53
CA LEU A 88 -14.64 -18.15 -7.77
C LEU A 88 -14.49 -18.74 -9.17
N SER A 89 -14.05 -17.93 -10.13
CA SER A 89 -13.89 -18.42 -11.50
C SER A 89 -12.74 -19.42 -11.57
N HIS A 90 -11.78 -19.32 -10.65
CA HIS A 90 -10.62 -20.20 -10.61
C HIS A 90 -10.82 -21.40 -9.68
N ALA A 91 -11.75 -21.29 -8.74
CA ALA A 91 -11.90 -22.27 -7.69
C ALA A 91 -12.50 -23.59 -8.18
N HIS A 92 -12.27 -24.66 -7.42
CA HIS A 92 -12.93 -25.94 -7.67
C HIS A 92 -14.41 -25.82 -7.35
N PRO A 93 -15.28 -26.16 -8.30
CA PRO A 93 -16.72 -26.12 -8.00
C PRO A 93 -17.20 -27.43 -7.39
N LEU A 94 -18.38 -27.41 -6.79
CA LEU A 94 -19.02 -28.65 -6.38
C LEU A 94 -19.72 -29.22 -7.61
N PRO A 95 -19.89 -30.55 -7.67
CA PRO A 95 -20.56 -31.15 -8.83
C PRO A 95 -21.95 -30.56 -9.06
N ALA A 96 -22.41 -30.56 -10.31
CA ALA A 96 -23.71 -29.99 -10.66
C ALA A 96 -24.83 -30.64 -9.86
N ASP A 97 -25.76 -29.81 -9.38
CA ASP A 97 -26.94 -30.26 -8.63
C ASP A 97 -26.59 -31.03 -7.35
N THR A 98 -25.49 -30.66 -6.70
CA THR A 98 -25.12 -31.25 -5.42
C THR A 98 -25.39 -30.30 -4.26
N VAL A 99 -25.47 -29.01 -4.56
CA VAL A 99 -25.76 -28.00 -3.55
C VAL A 99 -27.23 -27.60 -3.67
N PRO A 100 -28.02 -27.84 -2.60
CA PRO A 100 -29.43 -27.42 -2.65
C PRO A 100 -29.58 -25.93 -2.91
N ASP A 101 -30.65 -25.57 -3.61
CA ASP A 101 -30.89 -24.18 -3.99
C ASP A 101 -30.98 -23.26 -2.77
N ASP A 102 -31.30 -23.84 -1.61
CA ASP A 102 -31.56 -23.03 -0.42
C ASP A 102 -30.50 -23.22 0.66
N ALA A 103 -29.32 -23.72 0.28
CA ALA A 103 -28.22 -23.88 1.24
C ALA A 103 -27.81 -22.52 1.81
N VAL A 104 -27.29 -22.53 3.04
CA VAL A 104 -26.85 -21.30 3.70
C VAL A 104 -25.43 -21.39 4.22
N ASP A 105 -24.85 -20.23 4.46
CA ASP A 105 -23.52 -20.10 5.04
C ASP A 105 -23.69 -19.40 6.37
N VAL A 106 -22.81 -19.70 7.33
CA VAL A 106 -22.77 -18.99 8.59
C VAL A 106 -21.32 -18.74 8.94
N VAL A 107 -20.90 -17.47 8.90
CA VAL A 107 -19.49 -17.15 8.97
C VAL A 107 -19.28 -15.67 9.19
N GLY A 108 -18.09 -15.31 9.68
CA GLY A 108 -17.72 -13.92 9.87
C GLY A 108 -16.35 -13.60 9.30
N THR A 109 -16.10 -12.33 9.03
CA THR A 109 -14.81 -11.88 8.54
C THR A 109 -13.72 -12.04 9.61
N GLY A 110 -14.11 -11.96 10.87
CA GLY A 110 -13.17 -12.01 11.97
C GLY A 110 -12.54 -10.66 12.24
N THR A 116 -15.04 -15.04 16.99
CA THR A 116 -16.35 -15.59 17.30
C THR A 116 -16.59 -16.90 16.54
N VAL A 117 -15.52 -17.58 16.18
CA VAL A 117 -15.62 -18.84 15.44
C VAL A 117 -16.35 -19.90 16.27
N ASN A 118 -16.32 -19.73 17.59
CA ASN A 118 -17.04 -20.63 18.48
C ASN A 118 -18.55 -20.49 18.26
N LEU A 119 -19.02 -19.26 18.15
CA LEU A 119 -20.45 -18.99 18.01
C LEU A 119 -20.95 -19.41 16.63
N SER A 120 -20.19 -19.08 15.59
CA SER A 120 -20.62 -19.35 14.23
C SER A 120 -20.56 -20.85 13.93
N THR A 121 -19.57 -21.55 14.49
CA THR A 121 -19.47 -22.99 14.31
C THR A 121 -20.67 -23.69 14.93
N MET A 122 -21.04 -23.26 16.13
CA MET A 122 -22.18 -23.86 16.84
C MET A 122 -23.49 -23.52 16.15
N ALA A 123 -23.65 -22.27 15.74
CA ALA A 123 -24.84 -21.85 15.02
C ALA A 123 -25.02 -22.67 13.74
N ALA A 124 -23.90 -22.93 13.06
CA ALA A 124 -23.92 -23.69 11.82
C ALA A 124 -24.45 -25.10 12.05
N ILE A 125 -23.99 -25.74 13.12
CA ILE A 125 -24.44 -27.08 13.44
C ILE A 125 -25.93 -27.07 13.75
N VAL A 126 -26.36 -26.08 14.51
CA VAL A 126 -27.76 -25.95 14.92
C VAL A 126 -28.69 -25.71 13.73
N VAL A 127 -28.30 -24.80 12.84
CA VAL A 127 -29.09 -24.51 11.65
C VAL A 127 -29.25 -25.76 10.79
N ALA A 128 -28.17 -26.52 10.62
CA ALA A 128 -28.21 -27.74 9.83
C ALA A 128 -29.15 -28.77 10.46
N ALA A 129 -29.10 -28.86 11.78
CA ALA A 129 -29.93 -29.82 12.51
C ALA A 129 -31.40 -29.43 12.41
N ALA A 130 -31.66 -28.15 12.19
CA ALA A 130 -33.02 -27.66 12.05
C ALA A 130 -33.58 -27.99 10.66
N GLY A 131 -32.74 -28.50 9.77
CA GLY A 131 -33.17 -28.95 8.47
C GLY A 131 -32.78 -28.02 7.33
N VAL A 132 -32.07 -26.94 7.63
CA VAL A 132 -31.57 -26.03 6.61
C VAL A 132 -30.16 -26.43 6.19
N PRO A 133 -29.97 -26.80 4.91
CA PRO A 133 -28.63 -27.23 4.49
C PRO A 133 -27.57 -26.14 4.71
N VAL A 134 -26.43 -26.51 5.28
CA VAL A 134 -25.35 -25.57 5.56
C VAL A 134 -24.06 -25.98 4.86
N VAL A 135 -23.45 -25.05 4.13
CA VAL A 135 -22.15 -25.33 3.54
C VAL A 135 -21.21 -24.18 3.87
N LYS A 136 -20.27 -24.50 4.75
CA LYS A 136 -19.31 -23.51 5.23
C LYS A 136 -18.04 -23.53 4.39
N HIS A 137 -17.14 -22.62 4.71
CA HIS A 137 -15.92 -22.44 3.95
C HIS A 137 -14.95 -21.65 4.81
N GLY A 138 -13.76 -22.22 5.04
CA GLY A 138 -12.82 -21.57 5.92
C GLY A 138 -11.43 -22.18 5.92
N ASN A 139 -10.61 -21.68 6.84
CA ASN A 139 -9.19 -22.01 6.90
C ASN A 139 -8.79 -22.28 8.36
N ARG A 140 -7.57 -22.75 8.56
CA ARG A 140 -7.02 -22.88 9.92
C ARG A 140 -6.40 -21.55 10.36
N ALA A 141 -6.25 -21.39 11.67
CA ALA A 141 -5.58 -20.21 12.23
C ALA A 141 -4.15 -20.54 12.63
N GLY A 148 -11.99 -21.15 11.39
CA GLY A 148 -12.66 -21.93 12.41
C GLY A 148 -12.62 -23.42 12.13
N ALA A 149 -11.80 -23.82 11.17
CA ALA A 149 -11.66 -25.23 10.83
C ALA A 149 -10.96 -25.99 11.96
N ASP A 150 -10.16 -25.28 12.75
CA ASP A 150 -9.41 -25.88 13.86
C ASP A 150 -10.36 -26.49 14.89
N THR A 151 -11.40 -25.76 15.23
CA THR A 151 -12.40 -26.21 16.19
C THR A 151 -13.07 -27.50 15.70
N LEU A 152 -13.51 -27.51 14.45
CA LEU A 152 -14.18 -28.68 13.88
C LEU A 152 -13.25 -29.89 13.91
N GLU A 153 -11.96 -29.68 13.68
CA GLU A 153 -10.98 -30.76 13.72
C GLU A 153 -10.83 -31.29 15.14
N ALA A 154 -10.84 -30.38 16.11
CA ALA A 154 -10.78 -30.76 17.51
C ALA A 154 -11.99 -31.62 17.90
N LEU A 155 -13.12 -31.39 17.23
CA LEU A 155 -14.34 -32.16 17.47
C LEU A 155 -14.35 -33.46 16.66
N GLY A 156 -13.31 -33.70 15.88
CA GLY A 156 -13.16 -34.94 15.13
C GLY A 156 -13.75 -34.90 13.73
N VAL A 157 -14.08 -33.71 13.24
CA VAL A 157 -14.63 -33.56 11.89
C VAL A 157 -13.52 -33.49 10.85
N ARG A 158 -13.71 -34.20 9.73
CA ARG A 158 -12.77 -34.14 8.61
C ARG A 158 -13.09 -32.93 7.74
N ILE A 159 -12.25 -31.90 7.85
CA ILE A 159 -12.49 -30.62 7.21
C ILE A 159 -11.96 -30.57 5.78
N ASP A 160 -10.94 -31.37 5.49
CA ASP A 160 -10.26 -31.31 4.21
C ASP A 160 -10.76 -32.39 3.28
N LEU A 161 -11.81 -32.06 2.52
CA LEU A 161 -12.45 -33.02 1.61
C LEU A 161 -12.60 -32.44 0.21
N GLY A 162 -12.47 -33.31 -0.79
CA GLY A 162 -12.66 -32.91 -2.17
C GLY A 162 -14.12 -32.58 -2.45
N PRO A 163 -14.40 -31.88 -3.55
CA PRO A 163 -15.76 -31.47 -3.91
C PRO A 163 -16.78 -32.60 -3.84
N ASP A 164 -16.40 -33.79 -4.31
CA ASP A 164 -17.30 -34.93 -4.33
C ASP A 164 -17.75 -35.32 -2.93
N LEU A 165 -16.83 -35.30 -1.97
CA LEU A 165 -17.17 -35.72 -0.61
C LEU A 165 -17.87 -34.62 0.18
N VAL A 166 -17.61 -33.36 -0.15
CA VAL A 166 -18.36 -32.28 0.46
C VAL A 166 -19.83 -32.41 0.06
N ALA A 167 -20.04 -32.71 -1.22
CA ALA A 167 -21.40 -32.91 -1.74
C ALA A 167 -22.08 -34.07 -1.01
N ARG A 168 -21.38 -35.19 -0.86
CA ARG A 168 -21.91 -36.33 -0.12
C ARG A 168 -22.24 -35.95 1.32
N SER A 169 -21.36 -35.18 1.94
CA SER A 169 -21.55 -34.74 3.32
C SER A 169 -22.83 -33.90 3.43
N LEU A 170 -22.99 -32.95 2.52
CA LEU A 170 -24.18 -32.09 2.51
C LEU A 170 -25.45 -32.92 2.40
N ALA A 171 -25.46 -33.88 1.48
CA ALA A 171 -26.63 -34.71 1.25
C ALA A 171 -26.92 -35.62 2.44
N GLU A 172 -25.88 -36.29 2.93
CA GLU A 172 -26.03 -37.36 3.92
C GLU A 172 -26.09 -36.85 5.36
N VAL A 173 -25.38 -35.75 5.64
CA VAL A 173 -25.29 -35.23 7.00
C VAL A 173 -26.12 -33.95 7.16
N GLY A 174 -26.25 -33.19 6.08
CA GLY A 174 -26.97 -31.94 6.10
C GLY A 174 -26.03 -30.75 6.22
N ILE A 175 -24.74 -31.03 6.27
CA ILE A 175 -23.73 -29.99 6.39
C ILE A 175 -22.44 -30.38 5.68
N GLY A 176 -21.72 -29.39 5.16
CA GLY A 176 -20.44 -29.61 4.52
C GLY A 176 -19.49 -28.46 4.78
N PHE A 177 -18.20 -28.70 4.58
CA PHE A 177 -17.17 -27.70 4.81
C PHE A 177 -16.15 -27.70 3.69
N CYS A 178 -16.01 -26.57 3.01
CA CYS A 178 -15.00 -26.41 1.97
C CYS A 178 -13.72 -25.82 2.56
N PHE A 179 -12.68 -26.65 2.63
CA PHE A 179 -11.39 -26.20 3.14
C PHE A 179 -10.74 -25.31 2.09
N ALA A 180 -10.53 -24.04 2.43
CA ALA A 180 -10.16 -23.04 1.44
C ALA A 180 -8.85 -23.35 0.71
N PRO A 181 -7.81 -23.81 1.43
CA PRO A 181 -6.57 -24.16 0.71
C PRO A 181 -6.77 -25.22 -0.36
N ARG A 182 -7.74 -26.11 -0.16
CA ARG A 182 -8.02 -27.18 -1.12
C ARG A 182 -8.76 -26.64 -2.35
N PHE A 183 -9.64 -25.68 -2.14
CA PHE A 183 -10.48 -25.15 -3.20
C PHE A 183 -9.90 -23.94 -3.92
N HIS A 184 -8.97 -23.25 -3.26
CA HIS A 184 -8.36 -22.04 -3.83
C HIS A 184 -6.83 -22.12 -3.87
N PRO A 185 -6.28 -23.22 -4.40
CA PRO A 185 -4.82 -23.42 -4.37
C PRO A 185 -4.05 -22.23 -4.96
N SER A 186 -4.62 -21.61 -5.99
CA SER A 186 -3.96 -20.50 -6.68
C SER A 186 -3.84 -19.24 -5.84
N TYR A 187 -4.58 -19.19 -4.74
CA TYR A 187 -4.58 -18.05 -3.83
C TYR A 187 -3.40 -18.07 -2.86
N ARG A 188 -2.64 -19.17 -2.85
CA ARG A 188 -1.60 -19.36 -1.84
C ARG A 188 -0.57 -18.24 -1.82
N HIS A 189 -0.28 -17.68 -2.98
CA HIS A 189 0.68 -16.57 -3.05
C HIS A 189 0.10 -15.33 -2.36
N ALA A 190 -1.18 -15.08 -2.58
CA ALA A 190 -1.85 -13.97 -1.92
C ALA A 190 -1.94 -14.23 -0.41
N ALA A 191 -2.10 -15.50 -0.04
CA ALA A 191 -2.20 -15.85 1.37
C ALA A 191 -0.89 -15.56 2.11
N ALA A 192 0.23 -15.85 1.45
CA ALA A 192 1.54 -15.65 2.06
C ALA A 192 1.82 -14.16 2.29
N VAL A 193 1.45 -13.34 1.31
CA VAL A 193 1.62 -11.90 1.43
C VAL A 193 0.82 -11.32 2.60
N ARG A 194 -0.43 -11.76 2.74
CA ARG A 194 -1.29 -11.28 3.81
C ARG A 194 -0.70 -11.55 5.19
N ARG A 195 -0.11 -12.72 5.36
CA ARG A 195 0.54 -13.07 6.62
C ARG A 195 1.77 -12.20 6.84
N GLU A 196 2.49 -11.92 5.76
CA GLU A 196 3.72 -11.14 5.86
C GLU A 196 3.47 -9.70 6.29
N ILE A 197 2.37 -9.11 5.82
CA ILE A 197 2.07 -7.72 6.16
C ILE A 197 1.23 -7.63 7.42
N GLY A 198 0.48 -8.70 7.72
CA GLY A 198 -0.19 -8.83 9.00
C GLY A 198 -1.51 -8.11 9.08
N VAL A 199 -1.51 -6.82 8.77
CA VAL A 199 -2.68 -5.97 8.97
C VAL A 199 -3.83 -6.36 8.05
N PRO A 200 -5.07 -6.08 8.48
CA PRO A 200 -6.23 -6.39 7.63
C PRO A 200 -6.24 -5.57 6.34
N THR A 201 -6.70 -6.18 5.25
CA THR A 201 -6.87 -5.50 3.99
C THR A 201 -8.21 -5.86 3.38
N VAL A 202 -8.46 -5.37 2.18
CA VAL A 202 -9.67 -5.69 1.43
C VAL A 202 -9.80 -7.21 1.28
N PHE A 203 -8.69 -7.92 1.32
CA PHE A 203 -8.71 -9.37 1.15
C PHE A 203 -9.43 -10.04 2.33
N ASN A 204 -9.48 -9.37 3.48
CA ASN A 204 -10.18 -9.92 4.64
C ASN A 204 -11.69 -10.01 4.44
N LEU A 205 -12.19 -9.36 3.39
CA LEU A 205 -13.63 -9.36 3.08
C LEU A 205 -14.08 -10.53 2.20
N LEU A 206 -13.14 -11.23 1.59
CA LEU A 206 -13.47 -12.13 0.49
C LEU A 206 -13.92 -13.53 0.94
N GLY A 207 -13.56 -13.93 2.15
CA GLY A 207 -13.91 -15.25 2.65
C GLY A 207 -15.37 -15.60 2.48
N PRO A 208 -16.27 -14.76 3.03
CA PRO A 208 -17.70 -15.03 2.92
C PRO A 208 -18.23 -14.87 1.50
N LEU A 209 -17.43 -14.25 0.63
CA LEU A 209 -17.86 -13.97 -0.73
C LEU A 209 -17.30 -14.96 -1.75
N THR A 210 -16.47 -15.89 -1.30
CA THR A 210 -15.81 -16.84 -2.21
C THR A 210 -16.02 -18.29 -1.78
N ASN A 211 -17.13 -18.54 -1.11
CA ASN A 211 -17.54 -19.90 -0.79
C ASN A 211 -17.72 -20.72 -2.08
N PRO A 212 -16.91 -21.77 -2.27
CA PRO A 212 -16.95 -22.49 -3.55
C PRO A 212 -18.29 -23.16 -3.85
N ALA A 213 -19.07 -23.43 -2.81
CA ALA A 213 -20.38 -24.05 -2.98
C ALA A 213 -21.43 -23.01 -3.39
N ARG A 214 -21.06 -21.74 -3.25
CA ARG A 214 -21.89 -20.62 -3.68
C ARG A 214 -23.30 -20.66 -3.08
N PRO A 215 -23.41 -20.77 -1.75
CA PRO A 215 -24.73 -20.69 -1.12
C PRO A 215 -25.38 -19.34 -1.41
N ARG A 216 -26.69 -19.36 -1.65
CA ARG A 216 -27.43 -18.16 -2.02
C ARG A 216 -27.97 -17.41 -0.79
N ALA A 217 -27.73 -17.96 0.40
CA ALA A 217 -28.18 -17.33 1.64
C ALA A 217 -27.15 -17.46 2.73
N GLY A 218 -27.30 -16.68 3.79
CA GLY A 218 -26.41 -16.80 4.92
C GLY A 218 -26.51 -15.71 5.97
N LEU A 219 -25.90 -15.98 7.11
CA LEU A 219 -25.69 -14.99 8.16
C LEU A 219 -24.20 -14.65 8.11
N ILE A 220 -23.90 -13.41 7.73
CA ILE A 220 -22.52 -12.99 7.49
C ILE A 220 -22.08 -11.90 8.47
N GLY A 221 -21.10 -12.23 9.31
CA GLY A 221 -20.57 -11.26 10.25
C GLY A 221 -19.47 -10.42 9.64
N CYS A 222 -19.47 -9.14 9.96
CA CYS A 222 -18.42 -8.22 9.51
C CYS A 222 -18.00 -7.31 10.65
N ALA A 223 -16.72 -7.41 11.04
CA ALA A 223 -16.18 -6.65 12.17
C ALA A 223 -15.99 -5.18 11.82
N PHE A 224 -15.85 -4.88 10.54
CA PHE A 224 -15.64 -3.51 10.07
C PHE A 224 -16.96 -2.90 9.62
N ALA A 225 -17.48 -1.96 10.42
CA ALA A 225 -18.76 -1.32 10.14
C ALA A 225 -18.76 -0.62 8.79
N ASP A 226 -17.65 0.02 8.45
CA ASP A 226 -17.53 0.78 7.20
C ASP A 226 -17.59 -0.12 5.98
N LEU A 227 -17.15 -1.36 6.13
CA LEU A 227 -17.06 -2.29 5.01
C LEU A 227 -18.26 -3.23 4.94
N ALA A 228 -19.00 -3.34 6.03
CA ALA A 228 -20.14 -4.25 6.09
C ALA A 228 -21.14 -3.91 4.99
N GLU A 229 -21.34 -2.62 4.74
CA GLU A 229 -22.29 -2.18 3.73
C GLU A 229 -21.79 -2.49 2.33
N VAL A 230 -20.46 -2.53 2.16
CA VAL A 230 -19.88 -2.94 0.90
C VAL A 230 -20.16 -4.41 0.65
N MET A 231 -19.92 -5.24 1.66
CA MET A 231 -20.19 -6.67 1.55
C MET A 231 -21.66 -6.92 1.21
N ALA A 232 -22.54 -6.18 1.89
CA ALA A 232 -23.97 -6.31 1.64
C ALA A 232 -24.26 -5.94 0.20
N GLY A 233 -23.54 -4.96 -0.32
CA GLY A 233 -23.68 -4.55 -1.70
C GLY A 233 -23.29 -5.67 -2.65
N VAL A 234 -22.22 -6.38 -2.32
CA VAL A 234 -21.76 -7.48 -3.16
C VAL A 234 -22.81 -8.60 -3.17
N PHE A 235 -23.34 -8.94 -2.00
CA PHE A 235 -24.37 -9.97 -1.92
C PHE A 235 -25.64 -9.57 -2.66
N ALA A 236 -26.00 -8.29 -2.56
CA ALA A 236 -27.17 -7.77 -3.28
C ALA A 236 -27.01 -7.96 -4.79
N ALA A 237 -25.79 -7.75 -5.28
CA ALA A 237 -25.52 -7.86 -6.71
C ALA A 237 -25.79 -9.26 -7.24
N ARG A 238 -25.48 -10.28 -6.43
CA ARG A 238 -25.70 -11.66 -6.84
C ARG A 238 -27.06 -12.17 -6.34
N ARG A 239 -27.89 -11.24 -5.86
CA ARG A 239 -29.26 -11.53 -5.41
C ARG A 239 -29.31 -12.63 -4.36
N SER A 240 -28.38 -12.57 -3.41
CA SER A 240 -28.39 -13.47 -2.26
C SER A 240 -29.38 -12.97 -1.23
N SER A 241 -29.91 -13.90 -0.42
CA SER A 241 -30.72 -13.53 0.73
C SER A 241 -29.85 -13.64 1.96
N VAL A 242 -29.38 -12.50 2.43
CA VAL A 242 -28.34 -12.46 3.45
C VAL A 242 -28.62 -11.42 4.51
N LEU A 243 -28.25 -11.75 5.75
CA LEU A 243 -28.16 -10.78 6.82
C LEU A 243 -26.69 -10.52 7.10
N VAL A 244 -26.21 -9.35 6.69
CA VAL A 244 -24.86 -8.91 7.03
C VAL A 244 -24.93 -8.20 8.38
N VAL A 245 -24.23 -8.75 9.37
CA VAL A 245 -24.39 -8.30 10.75
C VAL A 245 -23.11 -7.76 11.35
N HIS A 246 -23.27 -6.73 12.18
CA HIS A 246 -22.18 -6.13 12.91
C HIS A 246 -22.65 -5.74 14.30
N GLY A 247 -22.13 -6.42 15.31
CA GLY A 247 -22.43 -6.05 16.68
C GLY A 247 -21.93 -4.66 16.98
N ASP A 248 -22.75 -3.88 17.68
CA ASP A 248 -22.38 -2.51 18.05
C ASP A 248 -21.31 -2.52 19.13
N ASP A 249 -20.94 -3.71 19.60
CA ASP A 249 -19.81 -3.90 20.49
C ASP A 249 -18.58 -4.37 19.70
N GLY A 250 -18.71 -4.45 18.38
CA GLY A 250 -17.59 -4.77 17.51
C GLY A 250 -17.58 -6.19 16.96
N LEU A 251 -18.46 -7.04 17.48
CA LEU A 251 -18.48 -8.45 17.08
C LEU A 251 -18.90 -8.67 15.63
N ASP A 252 -18.23 -9.61 14.96
CA ASP A 252 -18.65 -10.04 13.63
C ASP A 252 -19.71 -11.12 13.80
N GLU A 253 -20.77 -10.76 14.51
CA GLU A 253 -21.80 -11.69 14.93
C GLU A 253 -22.95 -10.90 15.52
N LEU A 254 -24.16 -11.45 15.49
CA LEU A 254 -25.23 -10.88 16.30
C LEU A 254 -24.83 -11.06 17.75
N THR A 255 -24.77 -9.95 18.48
CA THR A 255 -24.32 -9.99 19.88
C THR A 255 -25.51 -9.95 20.83
N THR A 256 -25.22 -10.21 22.11
CA THR A 256 -26.22 -10.14 23.16
C THR A 256 -25.81 -9.16 24.26
N THR A 257 -24.68 -8.47 24.07
CA THR A 257 -24.18 -7.49 25.03
C THR A 257 -24.71 -6.10 24.72
N THR A 258 -25.28 -5.95 23.53
CA THR A 258 -25.86 -4.68 23.10
C THR A 258 -26.60 -4.90 21.79
N THR A 259 -26.98 -3.81 21.12
CA THR A 259 -27.67 -3.90 19.85
C THR A 259 -26.73 -4.30 18.72
N SER A 260 -27.29 -4.62 17.56
CA SER A 260 -26.51 -4.91 16.37
C SER A 260 -27.05 -4.15 15.18
N THR A 261 -26.16 -3.84 14.24
CA THR A 261 -26.56 -3.29 12.96
C THR A 261 -26.71 -4.44 11.97
N ILE A 262 -27.81 -4.46 11.24
CA ILE A 262 -28.06 -5.49 10.24
C ILE A 262 -28.33 -4.88 8.88
N TRP A 263 -27.54 -5.28 7.90
CA TRP A 263 -27.85 -4.97 6.51
C TRP A 263 -28.60 -6.17 5.92
N ARG A 264 -29.91 -6.03 5.85
CA ARG A 264 -30.76 -7.08 5.32
C ARG A 264 -30.76 -7.02 3.80
N VAL A 265 -30.18 -8.05 3.18
CA VAL A 265 -30.13 -8.15 1.73
C VAL A 265 -31.18 -9.12 1.24
N ALA A 266 -32.11 -8.60 0.44
CA ALA A 266 -33.19 -9.41 -0.11
C ALA A 266 -33.76 -8.74 -1.36
N ALA A 267 -34.06 -9.54 -2.38
CA ALA A 267 -34.60 -9.04 -3.64
C ALA A 267 -33.64 -8.04 -4.27
N GLY A 268 -32.35 -8.31 -4.16
CA GLY A 268 -31.32 -7.49 -4.79
C GLY A 268 -31.16 -6.11 -4.18
N SER A 269 -31.82 -5.86 -3.06
CA SER A 269 -31.76 -4.54 -2.41
C SER A 269 -31.34 -4.66 -0.94
N VAL A 270 -30.90 -3.55 -0.37
CA VAL A 270 -30.36 -3.53 0.99
C VAL A 270 -31.20 -2.66 1.93
N ASP A 271 -31.54 -3.21 3.09
CA ASP A 271 -32.16 -2.46 4.17
C ASP A 271 -31.21 -2.45 5.36
N LYS A 272 -31.01 -1.29 5.96
CA LYS A 272 -30.18 -1.17 7.15
C LYS A 272 -31.05 -1.02 8.40
N LEU A 273 -30.83 -1.91 9.37
CA LEU A 273 -31.65 -1.95 10.58
C LEU A 273 -30.81 -1.97 11.85
N THR A 274 -31.38 -1.45 12.93
CA THR A 274 -30.86 -1.68 14.27
C THR A 274 -31.63 -2.83 14.89
N PHE A 275 -30.91 -3.73 15.56
CA PHE A 275 -31.49 -4.97 16.07
C PHE A 275 -31.16 -5.13 17.54
N ASP A 276 -32.19 -5.41 18.35
CA ASP A 276 -31.99 -5.62 19.78
C ASP A 276 -32.59 -6.96 20.20
N PRO A 277 -31.73 -7.90 20.63
CA PRO A 277 -32.28 -9.21 21.03
C PRO A 277 -33.11 -9.15 22.30
N ALA A 278 -33.12 -8.00 22.98
CA ALA A 278 -33.94 -7.83 24.16
C ALA A 278 -35.42 -7.93 23.80
N GLY A 279 -35.73 -7.59 22.54
CA GLY A 279 -37.09 -7.68 22.05
C GLY A 279 -37.59 -9.12 22.00
N PHE A 280 -36.65 -10.07 22.10
CA PHE A 280 -37.00 -11.49 22.11
C PHE A 280 -36.68 -12.12 23.47
N GLY A 281 -36.55 -11.27 24.49
CA GLY A 281 -36.38 -11.74 25.86
C GLY A 281 -34.97 -12.16 26.24
N PHE A 282 -33.99 -11.83 25.40
CA PHE A 282 -32.61 -12.19 25.71
C PHE A 282 -31.97 -11.18 26.65
N ALA A 283 -31.48 -11.68 27.78
CA ALA A 283 -30.83 -10.83 28.78
C ALA A 283 -29.48 -10.37 28.26
N ARG A 284 -29.07 -9.18 28.70
CA ARG A 284 -27.77 -8.63 28.33
C ARG A 284 -26.64 -9.45 28.94
N ALA A 285 -25.59 -9.67 28.15
CA ALA A 285 -24.41 -10.40 28.62
C ALA A 285 -23.20 -9.49 28.54
N GLN A 286 -22.09 -9.96 29.11
CA GLN A 286 -20.82 -9.24 29.03
C GLN A 286 -20.00 -9.77 27.86
N LEU A 287 -19.20 -8.88 27.28
CA LEU A 287 -18.39 -9.21 26.12
C LEU A 287 -17.42 -10.36 26.41
N ASP A 288 -16.84 -10.35 27.61
CA ASP A 288 -15.86 -11.36 27.99
C ASP A 288 -16.47 -12.76 28.07
N GLN A 289 -17.78 -12.84 28.20
CA GLN A 289 -18.47 -14.12 28.33
C GLN A 289 -18.62 -14.85 26.99
N LEU A 290 -18.47 -14.12 25.89
CA LEU A 290 -18.71 -14.67 24.56
C LEU A 290 -17.41 -14.96 23.79
N ALA A 291 -16.27 -14.60 24.39
CA ALA A 291 -14.98 -14.72 23.71
C ALA A 291 -14.55 -16.17 23.55
N GLY A 292 -13.74 -16.43 22.51
CA GLY A 292 -13.25 -17.76 22.23
C GLY A 292 -11.83 -18.00 22.73
N GLY A 293 -11.38 -19.23 22.61
CA GLY A 293 -10.02 -19.61 22.98
C GLY A 293 -9.42 -20.48 21.89
N ASP A 294 -8.52 -21.40 22.28
CA ASP A 294 -7.92 -22.29 21.30
C ASP A 294 -8.95 -23.33 20.84
N ALA A 295 -8.52 -24.21 19.94
CA ALA A 295 -9.41 -25.20 19.35
C ALA A 295 -10.03 -26.12 20.40
N GLN A 296 -9.25 -26.50 21.41
CA GLN A 296 -9.72 -27.43 22.42
C GLN A 296 -10.74 -26.79 23.34
N ALA A 297 -10.55 -25.50 23.64
CA ALA A 297 -11.49 -24.79 24.50
C ALA A 297 -12.82 -24.60 23.79
N ASN A 298 -12.76 -24.19 22.53
CA ASN A 298 -13.97 -24.02 21.72
C ASN A 298 -14.70 -25.34 21.57
N ALA A 299 -13.96 -26.42 21.35
CA ALA A 299 -14.53 -27.75 21.23
C ALA A 299 -15.30 -28.10 22.50
N ALA A 300 -14.72 -27.79 23.65
CA ALA A 300 -15.39 -28.04 24.92
C ALA A 300 -16.66 -27.22 25.03
N ALA A 301 -16.60 -25.98 24.57
CA ALA A 301 -17.77 -25.10 24.62
C ALA A 301 -18.87 -25.60 23.69
N VAL A 302 -18.47 -26.15 22.54
CA VAL A 302 -19.43 -26.69 21.59
C VAL A 302 -20.19 -27.86 22.21
N ARG A 303 -19.46 -28.79 22.82
CA ARG A 303 -20.06 -29.95 23.45
C ARG A 303 -20.98 -29.53 24.59
N ALA A 304 -20.57 -28.50 25.31
CA ALA A 304 -21.36 -27.98 26.42
C ALA A 304 -22.70 -27.46 25.93
N VAL A 305 -22.65 -26.54 24.96
CA VAL A 305 -23.86 -25.92 24.43
C VAL A 305 -24.79 -26.95 23.80
N LEU A 306 -24.25 -27.76 22.89
CA LEU A 306 -25.07 -28.77 22.21
C LEU A 306 -25.55 -29.83 23.20
N GLY A 307 -24.90 -29.89 24.37
CA GLY A 307 -25.28 -30.80 25.43
C GLY A 307 -26.39 -30.25 26.31
N GLY A 308 -26.75 -28.99 26.09
CA GLY A 308 -27.88 -28.38 26.76
C GLY A 308 -27.51 -27.30 27.77
N ALA A 309 -26.22 -27.03 27.92
CA ALA A 309 -25.75 -26.00 28.83
C ALA A 309 -26.39 -24.67 28.50
N ARG A 310 -26.88 -23.97 29.53
CA ARG A 310 -27.53 -22.68 29.33
C ARG A 310 -26.66 -21.54 29.83
N GLY A 311 -26.98 -20.34 29.36
CA GLY A 311 -26.17 -19.16 29.64
C GLY A 311 -26.06 -18.29 28.41
N PRO A 312 -25.16 -17.30 28.44
CA PRO A 312 -25.09 -16.35 27.32
C PRO A 312 -24.49 -16.93 26.04
N VAL A 313 -23.64 -17.95 26.16
CA VAL A 313 -23.07 -18.57 24.97
C VAL A 313 -24.16 -19.27 24.16
N ARG A 314 -25.00 -20.04 24.84
CA ARG A 314 -26.15 -20.67 24.21
C ARG A 314 -27.02 -19.62 23.55
N ASP A 315 -27.30 -18.55 24.28
CA ASP A 315 -28.17 -17.48 23.80
C ASP A 315 -27.66 -16.91 22.48
N ALA A 316 -26.37 -16.61 22.43
CA ALA A 316 -25.76 -16.07 21.22
C ALA A 316 -25.87 -17.05 20.06
N VAL A 317 -25.63 -18.33 20.34
CA VAL A 317 -25.73 -19.38 19.34
C VAL A 317 -27.15 -19.46 18.78
N VAL A 318 -28.13 -19.53 19.68
CA VAL A 318 -29.53 -19.57 19.29
C VAL A 318 -29.89 -18.36 18.44
N LEU A 319 -29.46 -17.19 18.90
CA LEU A 319 -29.74 -15.94 18.19
C LEU A 319 -29.18 -15.94 16.77
N ASN A 320 -27.93 -16.38 16.62
CA ASN A 320 -27.30 -16.36 15.31
C ASN A 320 -27.79 -17.48 14.40
N ALA A 321 -28.10 -18.62 15.00
CA ALA A 321 -28.72 -19.71 14.26
C ALA A 321 -30.05 -19.23 13.67
N ALA A 322 -30.81 -18.51 14.49
CA ALA A 322 -32.10 -17.98 14.05
C ALA A 322 -31.92 -17.00 12.90
N GLY A 323 -30.93 -16.13 13.01
CA GLY A 323 -30.61 -15.18 11.96
C GLY A 323 -30.36 -15.84 10.62
N ALA A 324 -29.60 -16.93 10.63
CA ALA A 324 -29.35 -17.70 9.43
C ALA A 324 -30.64 -18.27 8.86
N ILE A 325 -31.51 -18.74 9.75
CA ILE A 325 -32.79 -19.30 9.35
C ILE A 325 -33.67 -18.21 8.76
N VAL A 326 -33.62 -17.02 9.34
CA VAL A 326 -34.35 -15.87 8.80
C VAL A 326 -33.86 -15.55 7.39
N ALA A 327 -32.55 -15.58 7.20
CA ALA A 327 -31.96 -15.34 5.88
C ALA A 327 -32.45 -16.40 4.90
N HIS A 328 -32.46 -17.64 5.37
CA HIS A 328 -32.94 -18.76 4.56
C HIS A 328 -34.38 -18.52 4.10
N ALA A 329 -35.20 -18.04 5.01
CA ALA A 329 -36.61 -17.75 4.72
C ALA A 329 -36.73 -16.65 3.67
N GLY A 330 -35.80 -15.70 3.69
CA GLY A 330 -35.83 -14.59 2.76
C GLY A 330 -35.63 -14.99 1.31
N LEU A 331 -35.27 -16.25 1.08
CA LEU A 331 -35.09 -16.76 -0.28
C LEU A 331 -36.43 -16.89 -1.01
N SER A 332 -37.37 -17.57 -0.37
CA SER A 332 -38.61 -17.97 -1.01
C SER A 332 -39.76 -16.98 -0.80
N SER A 333 -39.52 -15.96 0.03
CA SER A 333 -40.52 -14.93 0.27
C SER A 333 -39.84 -13.62 0.67
N GLU A 336 -42.19 -12.15 6.71
CA GLU A 336 -42.37 -11.09 7.71
C GLU A 336 -41.26 -11.16 8.76
N TRP A 337 -40.64 -10.02 9.03
CA TRP A 337 -39.45 -9.91 9.87
C TRP A 337 -39.60 -10.56 11.25
N LEU A 338 -40.55 -10.09 12.05
CA LEU A 338 -40.69 -10.58 13.41
C LEU A 338 -41.22 -12.02 13.48
N PRO A 339 -42.24 -12.35 12.68
CA PRO A 339 -42.68 -13.76 12.68
C PRO A 339 -41.59 -14.73 12.25
N ALA A 340 -40.76 -14.30 11.31
CA ALA A 340 -39.66 -15.13 10.82
C ALA A 340 -38.66 -15.36 11.94
N TRP A 341 -38.35 -14.30 12.68
CA TRP A 341 -37.41 -14.39 13.80
C TRP A 341 -37.95 -15.30 14.89
N GLU A 342 -39.21 -15.11 15.25
CA GLU A 342 -39.80 -15.93 16.30
C GLU A 342 -39.80 -17.40 15.92
N GLU A 343 -40.05 -17.69 14.65
CA GLU A 343 -40.01 -19.06 14.16
C GLU A 343 -38.59 -19.60 14.14
N GLY A 344 -37.65 -18.77 13.70
CA GLY A 344 -36.25 -19.14 13.70
C GLY A 344 -35.72 -19.45 15.09
N LEU A 345 -36.12 -18.66 16.07
CA LEU A 345 -35.69 -18.86 17.45
C LEU A 345 -36.24 -20.18 18.02
N ARG A 346 -37.49 -20.50 17.66
CA ARG A 346 -38.11 -21.76 18.06
CA ARG A 346 -38.09 -21.75 18.10
C ARG A 346 -37.35 -22.96 17.51
N ARG A 347 -37.07 -22.90 16.22
CA ARG A 347 -36.42 -24.00 15.52
C ARG A 347 -34.99 -24.20 16.03
N ALA A 348 -34.31 -23.10 16.30
CA ALA A 348 -32.94 -23.15 16.80
C ALA A 348 -32.90 -23.76 18.20
N SER A 349 -33.77 -23.27 19.09
CA SER A 349 -33.83 -23.78 20.45
C SER A 349 -34.19 -25.26 20.46
N ALA A 350 -35.17 -25.65 19.65
CA ALA A 350 -35.60 -27.05 19.59
C ALA A 350 -34.50 -27.94 19.06
N ALA A 351 -33.77 -27.45 18.05
CA ALA A 351 -32.69 -28.23 17.47
C ALA A 351 -31.66 -28.59 18.54
N ILE A 352 -31.41 -27.66 19.46
CA ILE A 352 -30.54 -27.93 20.60
C ILE A 352 -31.20 -28.83 21.65
N ASP A 353 -32.41 -28.47 22.08
CA ASP A 353 -33.05 -29.13 23.22
C ASP A 353 -33.44 -30.58 22.94
N THR A 354 -33.80 -30.87 21.69
CA THR A 354 -34.15 -32.24 21.31
C THR A 354 -32.91 -33.12 21.16
N GLY A 355 -31.75 -32.48 21.10
CA GLY A 355 -30.49 -33.19 20.91
C GLY A 355 -30.14 -33.40 19.44
N ALA A 356 -30.97 -32.87 18.55
CA ALA A 356 -30.75 -33.04 17.12
C ALA A 356 -29.41 -32.46 16.68
N ALA A 357 -29.03 -31.32 17.26
CA ALA A 357 -27.77 -30.68 16.92
C ALA A 357 -26.59 -31.55 17.37
N GLU A 358 -26.66 -32.03 18.60
CA GLU A 358 -25.61 -32.89 19.14
C GLU A 358 -25.48 -34.14 18.28
N GLN A 359 -26.62 -34.73 17.90
CA GLN A 359 -26.64 -35.92 17.06
C GLN A 359 -26.05 -35.64 15.67
N LEU A 360 -26.36 -34.47 15.12
CA LEU A 360 -25.87 -34.12 13.80
C LEU A 360 -24.34 -34.05 13.78
N LEU A 361 -23.78 -33.42 14.80
CA LEU A 361 -22.33 -33.38 14.96
C LEU A 361 -21.74 -34.79 15.04
N ALA A 362 -22.38 -35.65 15.83
CA ALA A 362 -21.92 -37.03 15.98
C ALA A 362 -21.96 -37.73 14.63
N ARG A 363 -23.02 -37.50 13.86
CA ARG A 363 -23.16 -38.09 12.54
C ARG A 363 -22.17 -37.46 11.55
N TRP A 364 -21.81 -36.21 11.81
CA TRP A 364 -20.84 -35.51 10.96
C TRP A 364 -19.47 -36.15 11.15
N VAL A 365 -19.11 -36.38 12.41
CA VAL A 365 -17.86 -37.04 12.74
C VAL A 365 -17.84 -38.46 12.17
N ARG A 366 -18.94 -39.18 12.36
CA ARG A 366 -19.03 -40.56 11.91
C ARG A 366 -18.90 -40.67 10.40
N PHE A 367 -19.37 -39.63 9.70
CA PHE A 367 -19.30 -39.61 8.24
C PHE A 367 -17.87 -39.66 7.74
N GLY A 368 -17.02 -38.82 8.35
CA GLY A 368 -15.62 -38.72 7.94
C GLY A 368 -14.84 -40.01 8.14
N ARG A 369 -15.34 -40.87 9.03
CA ARG A 369 -14.68 -42.13 9.32
C ARG A 369 -15.19 -43.25 8.43
N GLN A 370 -16.39 -43.08 7.89
CA GLN A 370 -16.99 -44.09 7.00
C GLN A 370 -16.72 -43.76 5.54
N PRO B 26 7.86 -2.16 18.75
CA PRO B 26 7.47 -1.75 17.40
C PRO B 26 7.47 -2.91 16.42
N SER B 27 6.53 -2.91 15.47
CA SER B 27 6.39 -4.02 14.54
C SER B 27 5.72 -3.55 13.25
N TRP B 28 5.80 -4.39 12.22
CA TRP B 28 5.19 -4.04 10.94
C TRP B 28 3.66 -3.99 11.05
N PRO B 29 3.04 -4.96 11.75
CA PRO B 29 1.60 -4.85 11.95
C PRO B 29 1.20 -3.53 12.61
N GLN B 30 1.95 -3.13 13.63
CA GLN B 30 1.68 -1.87 14.32
C GLN B 30 1.84 -0.67 13.38
N ILE B 31 2.97 -0.61 12.69
CA ILE B 31 3.27 0.54 11.84
C ILE B 31 2.38 0.57 10.61
N LEU B 32 2.22 -0.58 9.94
CA LEU B 32 1.35 -0.66 8.76
C LEU B 32 -0.11 -0.45 9.12
N GLY B 33 -0.50 -0.93 10.30
CA GLY B 33 -1.86 -0.72 10.78
C GLY B 33 -2.12 0.76 11.02
N ARG B 34 -1.15 1.43 11.61
CA ARG B 34 -1.27 2.85 11.89
C ARG B 34 -1.41 3.66 10.60
N LEU B 35 -0.57 3.35 9.60
CA LEU B 35 -0.62 4.05 8.33
C LEU B 35 -1.92 3.80 7.58
N THR B 36 -2.39 2.57 7.59
CA THR B 36 -3.63 2.23 6.88
C THR B 36 -4.84 2.86 7.56
N ASP B 37 -4.72 3.13 8.85
CA ASP B 37 -5.74 3.88 9.58
CA ASP B 37 -5.74 3.88 9.58
C ASP B 37 -5.60 5.38 9.30
N ASN B 38 -4.69 5.72 8.40
CA ASN B 38 -4.48 7.10 7.98
C ASN B 38 -4.04 8.02 9.12
N ARG B 39 -3.19 7.50 9.98
CA ARG B 39 -2.58 8.27 11.06
C ARG B 39 -1.10 8.52 10.80
N ASP B 40 -0.62 9.68 11.19
CA ASP B 40 0.82 9.92 11.20
C ASP B 40 1.46 8.95 12.18
N LEU B 41 2.72 8.61 11.94
CA LEU B 41 3.45 7.72 12.83
C LEU B 41 3.94 8.47 14.06
N ALA B 42 4.23 7.72 15.12
CA ALA B 42 4.90 8.28 16.29
C ALA B 42 6.37 8.49 15.98
N ARG B 43 7.03 9.35 16.76
CA ARG B 43 8.46 9.57 16.62
C ARG B 43 9.21 8.25 16.70
N GLY B 44 10.10 8.03 15.74
CA GLY B 44 10.95 6.85 15.74
C GLY B 44 10.45 5.69 14.91
N GLN B 45 9.16 5.67 14.59
CA GLN B 45 8.58 4.53 13.89
C GLN B 45 9.03 4.45 12.43
N ALA B 46 8.99 5.57 11.73
CA ALA B 46 9.53 5.62 10.37
C ALA B 46 10.99 5.18 10.37
N ALA B 47 11.75 5.69 11.33
CA ALA B 47 13.16 5.33 11.49
C ALA B 47 13.33 3.82 11.72
N TRP B 48 12.52 3.26 12.61
CA TRP B 48 12.56 1.81 12.87
C TRP B 48 12.27 1.03 11.59
N ALA B 49 11.25 1.46 10.85
CA ALA B 49 10.87 0.80 9.61
C ALA B 49 12.00 0.80 8.60
N MET B 50 12.60 1.96 8.36
CA MET B 50 13.68 2.05 7.37
C MET B 50 14.88 1.23 7.82
N ASP B 51 15.15 1.23 9.12
CA ASP B 51 16.28 0.47 9.66
C ASP B 51 16.08 -1.02 9.39
N GLN B 52 14.85 -1.51 9.56
CA GLN B 52 14.53 -2.90 9.27
C GLN B 52 14.77 -3.20 7.80
N ILE B 53 14.33 -2.28 6.95
CA ILE B 53 14.45 -2.44 5.51
C ILE B 53 15.91 -2.54 5.09
N MET B 54 16.79 -1.83 5.80
CA MET B 54 18.18 -1.72 5.40
C MET B 54 19.10 -2.75 6.07
N THR B 55 18.61 -3.37 7.14
CA THR B 55 19.36 -4.44 7.78
C THR B 55 18.86 -5.80 7.29
N GLY B 56 18.18 -5.80 6.15
CA GLY B 56 17.72 -7.03 5.52
C GLY B 56 16.63 -7.77 6.26
N ASN B 57 16.06 -7.14 7.28
CA ASN B 57 15.04 -7.77 8.12
C ASN B 57 13.61 -7.53 7.65
N ALA B 58 13.45 -7.08 6.40
CA ALA B 58 12.13 -6.74 5.88
C ALA B 58 11.80 -7.55 4.62
N ARG B 59 10.62 -8.15 4.62
CA ARG B 59 10.11 -8.86 3.46
C ARG B 59 9.73 -7.85 2.37
N PRO B 60 9.92 -8.22 1.09
CA PRO B 60 9.50 -7.32 0.01
C PRO B 60 8.06 -6.84 0.14
N ALA B 61 7.17 -7.71 0.62
CA ALA B 61 5.76 -7.34 0.81
C ALA B 61 5.60 -6.27 1.89
N GLN B 62 6.41 -6.35 2.94
CA GLN B 62 6.40 -5.35 4.00
C GLN B 62 6.95 -4.02 3.49
N ILE B 63 8.02 -4.09 2.70
CA ILE B 63 8.62 -2.89 2.12
C ILE B 63 7.61 -2.18 1.23
N ALA B 64 6.98 -2.94 0.34
CA ALA B 64 6.00 -2.40 -0.59
C ALA B 64 4.79 -1.83 0.14
N ALA B 65 4.31 -2.56 1.13
CA ALA B 65 3.17 -2.12 1.92
C ALA B 65 3.49 -0.78 2.61
N PHE B 66 4.69 -0.71 3.19
CA PHE B 66 5.11 0.49 3.91
C PHE B 66 5.21 1.69 2.96
N ALA B 67 5.86 1.49 1.82
CA ALA B 67 6.08 2.57 0.87
C ALA B 67 4.76 3.12 0.35
N VAL B 68 3.84 2.21 -0.01
CA VAL B 68 2.55 2.62 -0.54
C VAL B 68 1.68 3.26 0.54
N ALA B 69 1.65 2.63 1.72
CA ALA B 69 0.83 3.12 2.82
C ALA B 69 1.26 4.54 3.26
N MET B 70 2.56 4.77 3.33
CA MET B 70 3.06 6.08 3.72
C MET B 70 2.66 7.13 2.69
N THR B 71 2.73 6.74 1.42
CA THR B 71 2.38 7.64 0.33
C THR B 71 0.92 8.06 0.40
N MET B 72 0.02 7.09 0.56
CA MET B 72 -1.41 7.39 0.53
C MET B 72 -1.90 8.04 1.83
N LYS B 73 -1.19 7.81 2.92
CA LYS B 73 -1.49 8.51 4.17
C LYS B 73 -1.19 9.99 4.00
N ALA B 74 -0.11 10.29 3.26
CA ALA B 74 0.46 11.62 3.04
C ALA B 74 1.61 11.84 4.01
N PRO B 75 2.86 11.62 3.54
CA PRO B 75 3.99 11.65 4.48
C PRO B 75 4.26 13.04 5.05
N THR B 76 4.72 13.08 6.30
CA THR B 76 5.13 14.32 6.93
C THR B 76 6.62 14.52 6.74
N ALA B 77 7.08 15.75 6.93
CA ALA B 77 8.50 16.06 6.87
C ALA B 77 9.28 15.30 7.94
N ASP B 78 8.72 15.19 9.13
CA ASP B 78 9.36 14.42 10.20
C ASP B 78 9.59 12.99 9.72
N GLU B 79 8.55 12.37 9.17
CA GLU B 79 8.61 10.98 8.75
C GLU B 79 9.68 10.79 7.65
N VAL B 80 9.64 11.61 6.62
CA VAL B 80 10.59 11.49 5.52
C VAL B 80 12.01 11.75 6.03
N GLY B 81 12.12 12.65 6.99
CA GLY B 81 13.40 12.98 7.62
C GLY B 81 13.99 11.78 8.33
N GLU B 82 13.14 11.01 9.00
CA GLU B 82 13.61 9.82 9.68
C GLU B 82 14.12 8.79 8.67
N LEU B 83 13.41 8.65 7.56
CA LEU B 83 13.81 7.72 6.51
C LEU B 83 15.19 8.08 5.97
N ALA B 84 15.34 9.34 5.56
CA ALA B 84 16.60 9.80 5.00
C ALA B 84 17.71 9.73 6.05
N GLY B 85 17.35 10.00 7.30
CA GLY B 85 18.29 9.97 8.40
C GLY B 85 18.90 8.59 8.61
N VAL B 86 18.06 7.56 8.52
CA VAL B 86 18.51 6.18 8.67
C VAL B 86 19.45 5.81 7.52
N MET B 87 19.06 6.17 6.30
CA MET B 87 19.86 5.85 5.13
C MET B 87 21.24 6.46 5.26
N LEU B 88 21.30 7.74 5.65
CA LEU B 88 22.58 8.43 5.81
C LEU B 88 23.39 7.88 6.97
N SER B 89 22.72 7.32 7.98
CA SER B 89 23.43 6.74 9.12
C SER B 89 24.12 5.44 8.72
N HIS B 90 23.64 4.81 7.66
CA HIS B 90 24.21 3.57 7.16
C HIS B 90 25.15 3.78 5.98
N ALA B 91 25.14 4.97 5.41
CA ALA B 91 25.90 5.25 4.19
C ALA B 91 27.39 5.38 4.44
N HIS B 92 28.19 5.03 3.42
CA HIS B 92 29.61 5.30 3.46
C HIS B 92 29.83 6.81 3.36
N PRO B 93 30.60 7.39 4.29
CA PRO B 93 30.84 8.83 4.23
C PRO B 93 32.00 9.19 3.31
N LEU B 94 32.09 10.45 2.91
CA LEU B 94 33.31 10.96 2.30
C LEU B 94 34.28 11.22 3.44
N PRO B 95 35.59 11.11 3.18
CA PRO B 95 36.57 11.29 4.26
C PRO B 95 36.47 12.65 4.93
N ALA B 96 36.97 12.75 6.15
CA ALA B 96 36.86 13.98 6.95
C ALA B 96 37.51 15.17 6.25
N ASP B 97 36.81 16.30 6.26
CA ASP B 97 37.31 17.56 5.73
C ASP B 97 37.60 17.51 4.22
N THR B 98 36.84 16.71 3.48
CA THR B 98 37.05 16.58 2.03
C THR B 98 35.91 17.17 1.21
N VAL B 99 34.79 17.48 1.86
CA VAL B 99 33.67 18.14 1.20
C VAL B 99 33.63 19.59 1.64
N PRO B 100 33.76 20.55 0.69
CA PRO B 100 33.72 21.96 1.06
C PRO B 100 32.44 22.35 1.79
N ASP B 101 32.56 23.34 2.66
CA ASP B 101 31.44 23.86 3.45
C ASP B 101 30.26 24.26 2.57
N ASP B 102 30.55 24.71 1.36
CA ASP B 102 29.54 25.30 0.49
C ASP B 102 29.26 24.47 -0.77
N ALA B 103 29.50 23.16 -0.69
CA ALA B 103 29.20 22.29 -1.83
C ALA B 103 27.70 22.23 -2.08
N VAL B 104 27.31 22.06 -3.33
CA VAL B 104 25.89 22.01 -3.71
C VAL B 104 25.55 20.79 -4.53
N ASP B 105 24.27 20.44 -4.50
CA ASP B 105 23.73 19.40 -5.34
C ASP B 105 22.86 20.05 -6.41
N VAL B 106 22.76 19.40 -7.56
CA VAL B 106 21.83 19.82 -8.62
C VAL B 106 21.19 18.57 -9.20
N VAL B 107 19.91 18.38 -8.92
CA VAL B 107 19.26 17.12 -9.29
C VAL B 107 17.75 17.24 -9.16
N GLY B 108 17.04 16.32 -9.79
CA GLY B 108 15.60 16.22 -9.66
C GLY B 108 15.19 14.81 -9.27
N THR B 109 14.02 14.67 -8.67
CA THR B 109 13.51 13.35 -8.29
C THR B 109 13.24 12.49 -9.53
N GLY B 110 13.00 13.15 -10.66
CA GLY B 110 12.63 12.45 -11.88
C GLY B 110 11.24 11.86 -11.77
N GLY B 111 10.90 10.95 -12.68
CA GLY B 111 9.62 10.25 -12.65
C GLY B 111 8.48 11.09 -13.21
N THR B 116 14.71 15.02 -16.94
CA THR B 116 15.50 16.25 -17.00
C THR B 116 16.95 16.00 -16.59
N VAL B 117 17.39 14.75 -16.72
CA VAL B 117 18.77 14.39 -16.43
C VAL B 117 19.70 15.17 -17.34
N ASN B 118 19.26 15.43 -18.56
CA ASN B 118 20.03 16.25 -19.47
C ASN B 118 20.28 17.63 -18.87
N LEU B 119 19.23 18.24 -18.34
CA LEU B 119 19.33 19.60 -17.82
C LEU B 119 20.18 19.66 -16.55
N SER B 120 19.89 18.78 -15.59
CA SER B 120 20.61 18.79 -14.31
C SER B 120 22.09 18.46 -14.47
N THR B 121 22.42 17.55 -15.39
CA THR B 121 23.81 17.20 -15.65
C THR B 121 24.57 18.40 -16.20
N MET B 122 23.99 19.07 -17.18
CA MET B 122 24.58 20.26 -17.76
C MET B 122 24.68 21.37 -16.73
N ALA B 123 23.61 21.55 -15.95
CA ALA B 123 23.56 22.61 -14.95
C ALA B 123 24.65 22.40 -13.90
N ALA B 124 24.86 21.13 -13.53
CA ALA B 124 25.86 20.80 -12.52
C ALA B 124 27.26 21.17 -13.00
N ILE B 125 27.56 20.86 -14.25
CA ILE B 125 28.86 21.18 -14.83
C ILE B 125 29.07 22.70 -14.89
N VAL B 126 28.03 23.41 -15.32
CA VAL B 126 28.10 24.87 -15.41
C VAL B 126 28.34 25.48 -14.03
N VAL B 127 27.61 25.01 -13.03
CA VAL B 127 27.73 25.55 -11.69
C VAL B 127 29.14 25.33 -11.14
N ALA B 128 29.67 24.12 -11.33
CA ALA B 128 31.03 23.79 -10.89
C ALA B 128 32.05 24.68 -11.57
N ALA B 129 31.81 24.98 -12.85
CA ALA B 129 32.71 25.81 -13.64
C ALA B 129 32.66 27.28 -13.18
N ALA B 130 31.56 27.66 -12.55
CA ALA B 130 31.42 29.00 -11.98
C ALA B 130 32.18 29.13 -10.66
N GLY B 131 32.65 28.00 -10.14
CA GLY B 131 33.47 28.01 -8.93
C GLY B 131 32.73 27.53 -7.69
N VAL B 132 31.51 27.04 -7.87
CA VAL B 132 30.75 26.46 -6.77
C VAL B 132 30.96 24.95 -6.75
N PRO B 133 31.56 24.42 -5.68
CA PRO B 133 31.78 22.96 -5.66
C PRO B 133 30.46 22.20 -5.80
N VAL B 134 30.44 21.19 -6.66
CA VAL B 134 29.24 20.39 -6.88
C VAL B 134 29.51 18.92 -6.59
N VAL B 135 28.68 18.30 -5.76
CA VAL B 135 28.78 16.86 -5.57
C VAL B 135 27.40 16.28 -5.82
N LYS B 136 27.33 15.47 -6.87
CA LYS B 136 26.07 14.86 -7.27
C LYS B 136 25.96 13.44 -6.74
N HIS B 137 24.80 12.87 -6.96
CA HIS B 137 24.45 11.57 -6.42
C HIS B 137 23.42 10.95 -7.36
N GLY B 138 23.72 9.76 -7.85
CA GLY B 138 22.84 9.11 -8.80
C GLY B 138 23.17 7.65 -9.07
N ASN B 139 22.37 7.04 -9.94
CA ASN B 139 22.54 5.64 -10.31
C ASN B 139 22.26 5.43 -11.79
N ARG B 140 22.67 4.29 -12.32
CA ARG B 140 22.33 3.93 -13.69
C ARG B 140 20.84 3.62 -13.78
N ALA B 141 20.27 3.81 -14.97
CA ALA B 141 18.85 3.57 -15.21
C ALA B 141 18.63 2.21 -15.87
N ALA B 142 17.64 1.48 -15.38
CA ALA B 142 17.31 0.17 -15.93
C ALA B 142 16.25 0.28 -17.03
N SER B 143 16.25 1.41 -17.73
CA SER B 143 15.36 1.61 -18.87
C SER B 143 16.14 2.15 -20.07
N SER B 146 19.59 6.11 -19.45
CA SER B 146 18.51 7.06 -19.27
C SER B 146 18.77 7.98 -18.08
N GLY B 147 19.39 7.43 -17.03
CA GLY B 147 19.57 8.15 -15.79
C GLY B 147 20.79 9.05 -15.73
N GLY B 148 21.07 9.58 -14.54
CA GLY B 148 22.15 10.52 -14.33
C GLY B 148 23.52 9.97 -14.64
N ALA B 149 23.82 8.81 -14.09
CA ALA B 149 25.11 8.18 -14.28
C ALA B 149 25.35 7.78 -15.74
N ASP B 150 24.27 7.44 -16.45
CA ASP B 150 24.38 6.99 -17.84
C ASP B 150 24.84 8.10 -18.78
N THR B 151 24.31 9.31 -18.57
CA THR B 151 24.71 10.47 -19.36
C THR B 151 26.20 10.76 -19.15
N LEU B 152 26.64 10.70 -17.89
CA LEU B 152 28.03 10.95 -17.56
C LEU B 152 28.94 9.89 -18.18
N GLU B 153 28.54 8.63 -18.09
CA GLU B 153 29.31 7.53 -18.69
C GLU B 153 29.47 7.74 -20.18
N ALA B 154 28.39 8.11 -20.84
CA ALA B 154 28.40 8.35 -22.29
C ALA B 154 29.33 9.51 -22.64
N LEU B 155 29.58 10.41 -21.68
CA LEU B 155 30.49 11.53 -21.88
C LEU B 155 31.93 11.17 -21.56
N GLY B 156 32.13 9.97 -21.03
CA GLY B 156 33.46 9.47 -20.72
C GLY B 156 33.88 9.71 -19.29
N VAL B 157 32.95 10.17 -18.47
CA VAL B 157 33.20 10.36 -17.04
C VAL B 157 33.17 9.02 -16.33
N ARG B 158 34.07 8.81 -15.38
CA ARG B 158 34.07 7.59 -14.57
C ARG B 158 33.18 7.76 -13.34
N ILE B 159 32.05 7.07 -13.34
CA ILE B 159 31.02 7.29 -12.32
C ILE B 159 31.19 6.45 -11.05
N ASP B 160 31.85 5.29 -11.17
CA ASP B 160 31.91 4.33 -10.07
C ASP B 160 33.18 4.47 -9.22
N LEU B 161 33.33 5.62 -8.56
CA LEU B 161 34.49 5.88 -7.72
C LEU B 161 34.15 5.77 -6.24
N GLY B 162 35.14 5.40 -5.44
CA GLY B 162 34.98 5.31 -4.01
C GLY B 162 35.17 6.66 -3.35
N PRO B 163 34.85 6.76 -2.05
CA PRO B 163 34.91 8.00 -1.28
C PRO B 163 36.19 8.82 -1.49
N ASP B 164 37.34 8.16 -1.46
CA ASP B 164 38.62 8.86 -1.55
C ASP B 164 38.79 9.55 -2.90
N LEU B 165 38.32 8.89 -3.95
CA LEU B 165 38.49 9.40 -5.30
C LEU B 165 37.44 10.45 -5.64
N VAL B 166 36.24 10.33 -5.06
CA VAL B 166 35.22 11.36 -5.22
C VAL B 166 35.73 12.63 -4.55
N ALA B 167 36.30 12.47 -3.35
CA ALA B 167 36.89 13.59 -2.61
C ALA B 167 37.97 14.29 -3.44
N ARG B 168 38.79 13.51 -4.14
CA ARG B 168 39.88 14.07 -4.94
C ARG B 168 39.33 14.73 -6.21
N SER B 169 38.33 14.10 -6.82
CA SER B 169 37.64 14.67 -7.97
C SER B 169 37.14 16.06 -7.61
N LEU B 170 36.46 16.15 -6.47
CA LEU B 170 35.87 17.39 -6.00
C LEU B 170 36.94 18.48 -5.80
N ALA B 171 38.11 18.08 -5.31
CA ALA B 171 39.16 19.03 -5.01
C ALA B 171 39.91 19.47 -6.27
N GLU B 172 40.17 18.52 -7.17
CA GLU B 172 40.99 18.78 -8.34
C GLU B 172 40.20 19.25 -9.56
N VAL B 173 38.98 18.74 -9.71
CA VAL B 173 38.14 19.06 -10.85
C VAL B 173 37.11 20.14 -10.51
N GLY B 174 36.62 20.10 -9.27
CA GLY B 174 35.59 21.02 -8.82
C GLY B 174 34.21 20.39 -8.81
N ILE B 175 34.15 19.10 -9.14
CA ILE B 175 32.89 18.36 -9.14
C ILE B 175 33.13 16.89 -8.84
N GLY B 176 32.13 16.25 -8.24
CA GLY B 176 32.21 14.84 -7.92
C GLY B 176 30.85 14.17 -8.04
N PHE B 177 30.87 12.87 -8.25
CA PHE B 177 29.65 12.09 -8.40
C PHE B 177 29.71 10.86 -7.50
N CYS B 178 28.72 10.75 -6.61
CA CYS B 178 28.58 9.58 -5.75
C CYS B 178 27.63 8.57 -6.39
N PHE B 179 28.19 7.45 -6.85
CA PHE B 179 27.39 6.37 -7.41
C PHE B 179 26.59 5.72 -6.27
N ALA B 180 25.26 5.77 -6.39
CA ALA B 180 24.39 5.40 -5.27
C ALA B 180 24.65 3.99 -4.74
N PRO B 181 24.70 2.97 -5.63
CA PRO B 181 24.97 1.61 -5.17
C PRO B 181 26.25 1.46 -4.35
N ARG B 182 27.23 2.31 -4.60
CA ARG B 182 28.52 2.21 -3.92
C ARG B 182 28.49 2.80 -2.51
N PHE B 183 27.63 3.80 -2.30
CA PHE B 183 27.58 4.52 -1.03
C PHE B 183 26.41 4.09 -0.15
N HIS B 184 25.42 3.45 -0.75
CA HIS B 184 24.21 3.02 -0.04
C HIS B 184 23.94 1.52 -0.21
N PRO B 185 24.97 0.67 0.00
CA PRO B 185 24.80 -0.76 -0.30
C PRO B 185 23.63 -1.40 0.44
N SER B 186 23.40 -1.02 1.69
CA SER B 186 22.34 -1.63 2.51
C SER B 186 20.94 -1.29 2.02
N TYR B 187 20.84 -0.38 1.05
CA TYR B 187 19.53 0.05 0.56
C TYR B 187 19.03 -0.81 -0.61
N ARG B 188 19.82 -1.81 -0.99
CA ARG B 188 19.56 -2.57 -2.23
C ARG B 188 18.20 -3.26 -2.27
N HIS B 189 17.76 -3.78 -1.12
CA HIS B 189 16.48 -4.46 -1.07
C HIS B 189 15.33 -3.48 -1.31
N ALA B 190 15.43 -2.30 -0.70
CA ALA B 190 14.42 -1.26 -0.88
C ALA B 190 14.38 -0.79 -2.33
N ALA B 191 15.55 -0.56 -2.91
CA ALA B 191 15.65 -0.07 -4.27
C ALA B 191 15.01 -1.06 -5.24
N ALA B 192 15.20 -2.34 -4.99
CA ALA B 192 14.62 -3.39 -5.84
C ALA B 192 13.10 -3.34 -5.80
N VAL B 193 12.54 -3.16 -4.60
CA VAL B 193 11.09 -3.16 -4.44
C VAL B 193 10.47 -1.97 -5.14
N ARG B 194 11.18 -0.84 -5.13
CA ARG B 194 10.76 0.35 -5.85
C ARG B 194 10.41 0.03 -7.30
N ARG B 195 11.34 -0.63 -7.98
CA ARG B 195 11.19 -0.93 -9.40
C ARG B 195 10.07 -1.94 -9.66
N GLU B 196 9.89 -2.88 -8.75
CA GLU B 196 8.90 -3.93 -8.92
C GLU B 196 7.46 -3.43 -8.91
N ILE B 197 7.17 -2.45 -8.04
CA ILE B 197 5.80 -1.94 -7.92
C ILE B 197 5.52 -0.83 -8.94
N GLY B 198 6.58 -0.22 -9.46
CA GLY B 198 6.46 0.72 -10.56
C GLY B 198 6.04 2.13 -10.17
N VAL B 199 4.85 2.26 -9.59
CA VAL B 199 4.28 3.56 -9.27
C VAL B 199 5.16 4.36 -8.32
N PRO B 200 5.12 5.71 -8.44
CA PRO B 200 5.88 6.54 -7.51
C PRO B 200 5.38 6.41 -6.07
N THR B 201 6.32 6.43 -5.13
CA THR B 201 6.00 6.46 -3.70
C THR B 201 6.88 7.49 -3.02
N VAL B 202 6.74 7.60 -1.71
CA VAL B 202 7.57 8.48 -0.91
C VAL B 202 9.05 8.15 -1.10
N PHE B 203 9.34 6.89 -1.47
CA PHE B 203 10.73 6.47 -1.67
C PHE B 203 11.39 7.25 -2.81
N ASN B 204 10.59 7.78 -3.72
CA ASN B 204 11.12 8.57 -4.83
C ASN B 204 11.76 9.88 -4.39
N LEU B 205 11.54 10.27 -3.13
CA LEU B 205 12.11 11.51 -2.59
C LEU B 205 13.49 11.32 -1.98
N LEU B 206 13.86 10.07 -1.72
CA LEU B 206 14.97 9.79 -0.83
C LEU B 206 16.34 9.99 -1.48
N GLY B 207 16.43 9.73 -2.78
CA GLY B 207 17.68 9.92 -3.50
C GLY B 207 18.27 11.30 -3.26
N PRO B 208 17.54 12.35 -3.63
CA PRO B 208 18.02 13.72 -3.44
C PRO B 208 18.23 14.08 -1.97
N LEU B 209 17.56 13.39 -1.07
CA LEU B 209 17.66 13.67 0.36
C LEU B 209 18.79 12.91 1.05
N THR B 210 19.49 12.04 0.31
CA THR B 210 20.51 11.18 0.91
C THR B 210 21.81 11.18 0.11
N ASN B 211 22.14 12.31 -0.47
CA ASN B 211 23.47 12.53 -1.04
C ASN B 211 24.50 12.24 0.05
N PRO B 212 25.37 11.24 -0.17
CA PRO B 212 26.26 10.83 0.94
C PRO B 212 27.36 11.83 1.26
N ALA B 213 27.59 12.80 0.39
CA ALA B 213 28.55 13.87 0.66
C ALA B 213 27.89 14.93 1.54
N ARG B 214 26.57 14.82 1.71
CA ARG B 214 25.80 15.73 2.56
C ARG B 214 26.00 17.22 2.26
N PRO B 215 25.92 17.61 0.97
CA PRO B 215 26.01 19.04 0.66
C PRO B 215 24.92 19.82 1.36
N ARG B 216 25.21 21.06 1.75
CA ARG B 216 24.28 21.83 2.54
C ARG B 216 23.40 22.74 1.68
N ALA B 217 23.62 22.73 0.37
CA ALA B 217 22.82 23.54 -0.52
C ALA B 217 22.53 22.83 -1.82
N GLY B 218 21.62 23.39 -2.61
CA GLY B 218 21.33 22.83 -3.91
C GLY B 218 20.06 23.34 -4.55
N LEU B 219 19.95 22.99 -5.82
CA LEU B 219 18.73 23.13 -6.60
C LEU B 219 18.17 21.73 -6.71
N ILE B 220 16.99 21.51 -6.15
CA ILE B 220 16.42 20.17 -6.06
C ILE B 220 15.05 20.12 -6.70
N GLY B 221 14.95 19.41 -7.81
CA GLY B 221 13.70 19.29 -8.53
C GLY B 221 12.83 18.18 -7.98
N CYS B 222 11.53 18.42 -7.96
CA CYS B 222 10.56 17.43 -7.50
C CYS B 222 9.38 17.41 -8.47
N ALA B 223 9.13 16.24 -9.07
CA ALA B 223 8.09 16.10 -10.09
C ALA B 223 6.68 16.09 -9.49
N PHE B 224 6.60 15.77 -8.20
CA PHE B 224 5.31 15.63 -7.52
C PHE B 224 5.02 16.84 -6.66
N ALA B 225 4.09 17.68 -7.11
CA ALA B 225 3.84 18.98 -6.50
C ALA B 225 3.42 18.87 -5.03
N ASP B 226 2.79 17.76 -4.67
CA ASP B 226 2.32 17.54 -3.30
C ASP B 226 3.48 17.28 -2.35
N LEU B 227 4.45 16.49 -2.82
CA LEU B 227 5.56 16.04 -1.99
C LEU B 227 6.72 17.04 -1.96
N ALA B 228 6.68 18.03 -2.85
CA ALA B 228 7.73 19.03 -2.91
C ALA B 228 7.82 19.80 -1.60
N GLU B 229 6.67 20.17 -1.05
CA GLU B 229 6.65 20.93 0.19
C GLU B 229 7.25 20.09 1.31
N VAL B 230 6.99 18.79 1.29
CA VAL B 230 7.50 17.88 2.29
C VAL B 230 9.01 17.80 2.20
N MET B 231 9.52 17.64 0.98
CA MET B 231 10.97 17.66 0.74
C MET B 231 11.59 18.90 1.34
N ALA B 232 10.95 20.04 1.09
CA ALA B 232 11.48 21.33 1.53
C ALA B 232 11.55 21.38 3.05
N GLY B 233 10.58 20.75 3.71
CA GLY B 233 10.54 20.71 5.16
C GLY B 233 11.71 19.91 5.72
N VAL B 234 12.04 18.83 5.03
CA VAL B 234 13.16 17.98 5.44
C VAL B 234 14.46 18.77 5.34
N PHE B 235 14.65 19.46 4.21
CA PHE B 235 15.85 20.28 4.02
C PHE B 235 15.90 21.40 5.06
N ALA B 236 14.75 22.00 5.34
CA ALA B 236 14.65 23.07 6.32
C ALA B 236 15.12 22.59 7.71
N ALA B 237 14.67 21.40 8.10
CA ALA B 237 15.03 20.84 9.41
C ALA B 237 16.55 20.69 9.54
N ARG B 238 17.20 20.39 8.41
CA ARG B 238 18.67 20.29 8.36
C ARG B 238 19.36 21.65 8.30
N ARG B 239 18.59 22.72 8.18
CA ARG B 239 19.15 24.05 8.00
C ARG B 239 19.98 24.12 6.72
N SER B 240 19.50 23.44 5.67
CA SER B 240 20.12 23.51 4.36
C SER B 240 19.60 24.75 3.62
N SER B 241 20.38 25.23 2.65
CA SER B 241 19.93 26.31 1.78
C SER B 241 19.61 25.74 0.41
N VAL B 242 18.32 25.54 0.16
CA VAL B 242 17.88 24.84 -1.03
C VAL B 242 16.69 25.55 -1.68
N LEU B 243 16.65 25.50 -3.01
CA LEU B 243 15.44 25.78 -3.75
C LEU B 243 14.86 24.45 -4.20
N VAL B 244 13.70 24.09 -3.67
CA VAL B 244 12.99 22.91 -4.15
C VAL B 244 12.05 23.39 -5.25
N VAL B 245 12.20 22.82 -6.45
CA VAL B 245 11.55 23.39 -7.63
C VAL B 245 10.64 22.40 -8.33
N HIS B 246 9.52 22.92 -8.80
CA HIS B 246 8.53 22.15 -9.53
C HIS B 246 7.95 23.02 -10.63
N GLY B 247 8.28 22.71 -11.87
CA GLY B 247 7.70 23.40 -13.01
C GLY B 247 6.21 23.20 -13.01
N ASP B 248 5.46 24.28 -13.24
CA ASP B 248 4.01 24.18 -13.26
C ASP B 248 3.51 23.44 -14.50
N ASP B 249 4.46 22.97 -15.33
CA ASP B 249 4.15 22.06 -16.44
C ASP B 249 4.51 20.62 -16.08
N GLY B 250 5.00 20.41 -14.86
CA GLY B 250 5.27 19.07 -14.36
C GLY B 250 6.74 18.68 -14.27
N LEU B 251 7.62 19.51 -14.82
CA LEU B 251 9.06 19.21 -14.79
C LEU B 251 9.64 19.22 -13.38
N ASP B 252 10.57 18.30 -13.12
CA ASP B 252 11.32 18.30 -11.87
C ASP B 252 12.57 19.16 -12.04
N GLU B 253 12.36 20.35 -12.59
CA GLU B 253 13.44 21.24 -12.99
C GLU B 253 12.79 22.58 -13.29
N LEU B 254 13.52 23.69 -13.13
CA LEU B 254 12.98 24.98 -13.51
C LEU B 254 12.78 25.02 -15.02
N THR B 255 11.55 25.27 -15.43
CA THR B 255 11.18 25.22 -16.84
C THR B 255 11.16 26.61 -17.47
N THR B 256 11.14 26.64 -18.80
CA THR B 256 11.01 27.89 -19.56
C THR B 256 9.69 27.91 -20.33
N THR B 257 8.92 26.83 -20.24
CA THR B 257 7.65 26.73 -20.94
C THR B 257 6.56 27.50 -20.20
N THR B 258 6.78 27.74 -18.91
CA THR B 258 5.83 28.47 -18.08
C THR B 258 6.45 28.76 -16.73
N THR B 259 5.61 29.07 -15.75
CA THR B 259 6.08 29.38 -14.41
C THR B 259 6.50 28.12 -13.66
N SER B 260 7.19 28.33 -12.54
CA SER B 260 7.58 27.25 -11.66
C SER B 260 7.26 27.61 -10.23
N THR B 261 6.92 26.62 -9.42
CA THR B 261 6.79 26.81 -8.00
C THR B 261 8.11 26.49 -7.34
N ILE B 262 8.59 27.42 -6.52
CA ILE B 262 9.81 27.23 -5.77
C ILE B 262 9.53 27.33 -4.29
N TRP B 263 9.93 26.30 -3.56
CA TRP B 263 9.97 26.38 -2.11
C TRP B 263 11.38 26.79 -1.71
N ARG B 264 11.54 28.06 -1.35
CA ARG B 264 12.83 28.59 -0.92
CA ARG B 264 12.83 28.60 -0.92
C ARG B 264 13.10 28.20 0.52
N VAL B 265 14.17 27.43 0.73
CA VAL B 265 14.54 26.95 2.06
C VAL B 265 15.81 27.67 2.51
N ALA B 266 15.69 28.40 3.62
CA ALA B 266 16.83 29.08 4.22
C ALA B 266 16.51 29.45 5.68
N ALA B 267 17.50 29.30 6.55
CA ALA B 267 17.36 29.60 7.98
C ALA B 267 16.27 28.75 8.64
N GLY B 268 16.18 27.49 8.23
CA GLY B 268 15.20 26.57 8.78
C GLY B 268 13.77 26.95 8.44
N SER B 269 13.61 27.88 7.51
CA SER B 269 12.29 28.37 7.09
C SER B 269 12.02 28.03 5.63
N VAL B 270 10.76 27.73 5.33
CA VAL B 270 10.33 27.44 3.97
C VAL B 270 9.43 28.56 3.48
N ASP B 271 9.72 29.04 2.28
CA ASP B 271 9.00 30.15 1.66
C ASP B 271 8.54 29.76 0.26
N LYS B 272 7.22 29.68 0.06
CA LYS B 272 6.66 29.29 -1.23
C LYS B 272 6.54 30.47 -2.18
N LEU B 273 7.12 30.33 -3.37
CA LEU B 273 7.15 31.38 -4.37
C LEU B 273 6.80 30.83 -5.74
N THR B 274 6.29 31.69 -6.61
CA THR B 274 6.11 31.37 -8.02
C THR B 274 7.18 32.11 -8.82
N PHE B 275 7.83 31.39 -9.74
CA PHE B 275 8.95 31.94 -10.50
C PHE B 275 8.58 32.01 -11.98
N ASP B 276 8.74 33.19 -12.58
CA ASP B 276 8.46 33.37 -14.01
C ASP B 276 9.74 33.78 -14.77
N PRO B 277 10.26 32.87 -15.62
CA PRO B 277 11.47 33.16 -16.39
C PRO B 277 11.37 34.43 -17.26
N ALA B 278 10.17 34.76 -17.70
CA ALA B 278 9.94 35.95 -18.53
C ALA B 278 10.38 37.21 -17.80
N GLY B 279 10.41 37.15 -16.47
CA GLY B 279 10.85 38.26 -15.67
C GLY B 279 12.34 38.52 -15.82
N PHE B 280 13.06 37.54 -16.38
CA PHE B 280 14.50 37.66 -16.58
C PHE B 280 14.85 37.58 -18.06
N GLY B 281 13.84 37.75 -18.91
CA GLY B 281 14.05 37.90 -20.34
C GLY B 281 14.08 36.60 -21.12
N PHE B 282 13.64 35.52 -20.50
CA PHE B 282 13.60 34.23 -21.18
C PHE B 282 12.30 34.08 -21.97
N ALA B 283 12.44 33.70 -23.24
CA ALA B 283 11.29 33.46 -24.10
C ALA B 283 10.64 32.13 -23.75
N ARG B 284 9.32 32.07 -23.92
CA ARG B 284 8.58 30.84 -23.66
C ARG B 284 9.01 29.76 -24.64
N ALA B 285 9.11 28.52 -24.16
CA ALA B 285 9.46 27.38 -25.01
C ALA B 285 8.37 26.33 -24.94
N GLN B 286 8.42 25.36 -25.85
CA GLN B 286 7.51 24.23 -25.83
C GLN B 286 8.14 23.06 -25.10
N LEU B 287 7.31 22.18 -24.55
CA LEU B 287 7.82 21.10 -23.71
C LEU B 287 8.68 20.11 -24.50
N ASP B 288 8.30 19.86 -25.75
CA ASP B 288 9.02 18.90 -26.59
C ASP B 288 10.46 19.34 -26.85
N GLN B 289 10.70 20.64 -26.80
CA GLN B 289 12.03 21.20 -27.05
C GLN B 289 13.03 20.85 -25.94
N LEU B 290 12.51 20.37 -24.81
CA LEU B 290 13.33 20.06 -23.64
C LEU B 290 13.40 18.55 -23.40
N ASP B 294 17.55 9.40 -23.74
CA ASP B 294 18.62 8.59 -24.29
C ASP B 294 19.98 9.14 -23.86
N ALA B 295 20.84 8.27 -23.35
CA ALA B 295 22.12 8.68 -22.79
C ALA B 295 23.08 9.20 -23.86
N GLN B 296 23.11 8.53 -25.01
CA GLN B 296 23.95 8.96 -26.12
C GLN B 296 23.47 10.28 -26.69
N ALA B 297 22.16 10.49 -26.65
CA ALA B 297 21.55 11.74 -27.15
C ALA B 297 21.74 12.85 -26.12
N ASN B 298 21.64 12.50 -24.85
CA ASN B 298 21.92 13.45 -23.78
C ASN B 298 23.35 13.97 -23.88
N ALA B 299 24.29 13.08 -24.17
CA ALA B 299 25.69 13.44 -24.29
C ALA B 299 25.89 14.45 -25.43
N ALA B 300 25.23 14.21 -26.56
CA ALA B 300 25.31 15.12 -27.69
C ALA B 300 24.73 16.47 -27.33
N ALA B 301 23.70 16.47 -26.49
CA ALA B 301 23.05 17.71 -26.09
C ALA B 301 23.95 18.49 -25.13
N VAL B 302 24.67 17.76 -24.28
CA VAL B 302 25.61 18.36 -23.35
C VAL B 302 26.75 19.01 -24.12
N ARG B 303 27.33 18.27 -25.06
CA ARG B 303 28.43 18.78 -25.86
C ARG B 303 28.00 20.03 -26.62
N ALA B 304 26.79 20.01 -27.17
CA ALA B 304 26.28 21.14 -27.95
C ALA B 304 26.16 22.39 -27.09
N VAL B 305 25.44 22.27 -25.98
CA VAL B 305 25.20 23.42 -25.10
C VAL B 305 26.51 23.99 -24.57
N LEU B 306 27.35 23.12 -24.04
CA LEU B 306 28.63 23.55 -23.49
C LEU B 306 29.51 24.13 -24.59
N GLY B 307 29.18 23.80 -25.84
CA GLY B 307 29.90 24.31 -26.99
C GLY B 307 29.42 25.68 -27.42
N GLY B 308 28.29 26.12 -26.87
CA GLY B 308 27.80 27.47 -27.11
C GLY B 308 26.49 27.56 -27.89
N ALA B 309 25.92 26.42 -28.26
CA ALA B 309 24.66 26.41 -29.01
C ALA B 309 23.57 27.12 -28.22
N ARG B 310 22.90 28.08 -28.86
CA ARG B 310 21.81 28.81 -28.23
C ARG B 310 20.50 28.05 -28.44
N GLY B 311 19.47 28.44 -27.69
CA GLY B 311 18.18 27.79 -27.78
C GLY B 311 17.52 27.55 -26.44
N PRO B 312 16.36 26.89 -26.44
CA PRO B 312 15.62 26.64 -25.20
C PRO B 312 16.37 25.74 -24.22
N VAL B 313 17.19 24.83 -24.72
CA VAL B 313 17.92 23.92 -23.85
C VAL B 313 18.96 24.70 -23.04
N ARG B 314 19.76 25.52 -23.72
CA ARG B 314 20.72 26.38 -23.04
C ARG B 314 20.03 27.22 -21.99
N ASP B 315 18.92 27.86 -22.37
CA ASP B 315 18.19 28.73 -21.47
C ASP B 315 17.82 27.99 -20.18
N ALA B 316 17.29 26.78 -20.34
CA ALA B 316 16.87 25.98 -19.21
C ALA B 316 18.06 25.61 -18.32
N VAL B 317 19.17 25.26 -18.95
CA VAL B 317 20.39 24.94 -18.22
C VAL B 317 20.87 26.14 -17.42
N VAL B 318 20.90 27.30 -18.07
CA VAL B 318 21.34 28.55 -17.46
C VAL B 318 20.44 28.91 -16.28
N LEU B 319 19.13 28.73 -16.47
CA LEU B 319 18.15 28.95 -15.41
C LEU B 319 18.41 28.11 -14.17
N ASN B 320 18.57 26.81 -14.36
CA ASN B 320 18.74 25.91 -13.23
C ASN B 320 20.12 26.06 -12.60
N ALA B 321 21.13 26.33 -13.42
CA ALA B 321 22.47 26.61 -12.90
C ALA B 321 22.39 27.84 -12.00
N ALA B 322 21.68 28.86 -12.45
CA ALA B 322 21.55 30.09 -11.69
C ALA B 322 20.81 29.84 -10.38
N GLY B 323 19.81 28.97 -10.42
CA GLY B 323 19.08 28.58 -9.22
C GLY B 323 19.97 27.91 -8.19
N ALA B 324 20.82 27.00 -8.63
CA ALA B 324 21.79 26.35 -7.75
C ALA B 324 22.71 27.39 -7.12
N ILE B 325 23.10 28.38 -7.93
CA ILE B 325 23.99 29.44 -7.46
C ILE B 325 23.28 30.33 -6.45
N VAL B 326 22.00 30.60 -6.67
CA VAL B 326 21.22 31.35 -5.70
C VAL B 326 21.15 30.59 -4.38
N ALA B 327 20.90 29.29 -4.46
CA ALA B 327 20.85 28.45 -3.26
C ALA B 327 22.19 28.50 -2.53
N HIS B 328 23.28 28.42 -3.28
CA HIS B 328 24.63 28.51 -2.72
C HIS B 328 24.82 29.82 -1.95
N ALA B 329 24.34 30.92 -2.53
CA ALA B 329 24.46 32.24 -1.89
C ALA B 329 23.70 32.31 -0.58
N GLY B 330 22.61 31.56 -0.48
CA GLY B 330 21.78 31.55 0.70
C GLY B 330 22.42 30.91 1.93
N LEU B 331 23.61 30.32 1.74
CA LEU B 331 24.33 29.70 2.84
C LEU B 331 24.93 30.71 3.81
N SER B 332 25.57 31.74 3.26
CA SER B 332 26.37 32.67 4.04
C SER B 332 25.78 34.08 4.07
N SER B 333 25.20 34.49 2.94
CA SER B 333 24.61 35.82 2.83
C SER B 333 23.09 35.74 2.84
N ARG B 334 22.46 36.82 3.28
CA ARG B 334 21.01 36.93 3.25
C ARG B 334 20.58 37.80 2.08
N ALA B 335 21.33 37.68 0.98
CA ALA B 335 21.13 38.54 -0.20
C ALA B 335 19.71 38.44 -0.74
N GLU B 336 19.27 39.52 -1.40
CA GLU B 336 17.91 39.61 -1.91
C GLU B 336 17.68 38.67 -3.09
N TRP B 337 16.42 38.30 -3.29
CA TRP B 337 16.00 37.37 -4.33
C TRP B 337 16.45 37.82 -5.73
N LEU B 338 16.09 39.05 -6.11
CA LEU B 338 16.33 39.53 -7.47
C LEU B 338 17.81 39.70 -7.79
N PRO B 339 18.55 40.43 -6.93
CA PRO B 339 19.98 40.60 -7.18
C PRO B 339 20.72 39.27 -7.24
N ALA B 340 20.29 38.30 -6.44
CA ALA B 340 20.94 37.00 -6.37
C ALA B 340 20.75 36.26 -7.68
N TRP B 341 19.55 36.33 -8.23
CA TRP B 341 19.25 35.66 -9.48
C TRP B 341 19.98 36.28 -10.65
N GLU B 342 20.05 37.62 -10.66
CA GLU B 342 20.71 38.32 -11.75
C GLU B 342 22.20 38.01 -11.76
N GLU B 343 22.80 37.91 -10.57
CA GLU B 343 24.18 37.49 -10.46
C GLU B 343 24.35 36.02 -10.84
N GLY B 344 23.41 35.19 -10.39
CA GLY B 344 23.40 33.77 -10.75
C GLY B 344 23.35 33.56 -12.24
N LEU B 345 22.50 34.32 -12.93
CA LEU B 345 22.35 34.18 -14.36
C LEU B 345 23.62 34.63 -15.09
N ARG B 346 24.18 35.75 -14.66
CA ARG B 346 25.45 36.23 -15.23
C ARG B 346 26.54 35.18 -15.09
N ARG B 347 26.67 34.60 -13.91
CA ARG B 347 27.74 33.64 -13.63
C ARG B 347 27.57 32.37 -14.45
N ALA B 348 26.33 31.88 -14.56
CA ALA B 348 26.06 30.69 -15.34
C ALA B 348 26.38 30.91 -16.81
N SER B 349 25.87 32.02 -17.35
CA SER B 349 26.10 32.35 -18.75
C SER B 349 27.59 32.49 -19.04
N ALA B 350 28.29 33.21 -18.16
CA ALA B 350 29.73 33.41 -18.33
C ALA B 350 30.49 32.08 -18.28
N ALA B 351 30.06 31.19 -17.39
CA ALA B 351 30.71 29.89 -17.24
C ALA B 351 30.67 29.12 -18.55
N ILE B 352 29.57 29.27 -19.29
CA ILE B 352 29.45 28.66 -20.60
C ILE B 352 30.24 29.43 -21.67
N ASP B 353 30.02 30.74 -21.72
CA ASP B 353 30.53 31.57 -22.82
C ASP B 353 32.06 31.69 -22.82
N THR B 354 32.68 31.67 -21.65
CA THR B 354 34.13 31.71 -21.56
C THR B 354 34.75 30.36 -21.92
N GLY B 355 33.90 29.34 -22.02
CA GLY B 355 34.36 27.99 -22.29
C GLY B 355 34.74 27.21 -21.05
N ALA B 356 34.60 27.83 -19.88
CA ALA B 356 35.01 27.19 -18.63
C ALA B 356 34.26 25.90 -18.37
N ALA B 357 32.97 25.86 -18.72
CA ALA B 357 32.17 24.67 -18.50
C ALA B 357 32.64 23.52 -19.38
N GLU B 358 32.87 23.83 -20.66
CA GLU B 358 33.38 22.85 -21.61
C GLU B 358 34.71 22.27 -21.15
N GLN B 359 35.60 23.16 -20.70
CA GLN B 359 36.92 22.75 -20.22
C GLN B 359 36.83 21.88 -18.98
N LEU B 360 35.89 22.22 -18.10
CA LEU B 360 35.76 21.50 -16.84
C LEU B 360 35.31 20.06 -17.10
N LEU B 361 34.42 19.87 -18.06
CA LEU B 361 34.02 18.52 -18.46
C LEU B 361 35.23 17.74 -18.98
N ALA B 362 35.99 18.35 -19.88
CA ALA B 362 37.19 17.70 -20.44
C ALA B 362 38.16 17.30 -19.33
N ARG B 363 38.33 18.19 -18.36
CA ARG B 363 39.23 17.92 -17.24
C ARG B 363 38.65 16.83 -16.34
N TRP B 364 37.33 16.76 -16.28
CA TRP B 364 36.64 15.73 -15.51
C TRP B 364 36.88 14.38 -16.16
N VAL B 365 36.79 14.36 -17.49
CA VAL B 365 37.03 13.14 -18.25
C VAL B 365 38.47 12.68 -18.11
N ARG B 366 39.41 13.63 -18.22
CA ARG B 366 40.83 13.30 -18.11
C ARG B 366 41.15 12.77 -16.71
N PHE B 367 40.54 13.37 -15.69
CA PHE B 367 40.78 12.96 -14.31
C PHE B 367 40.50 11.47 -14.11
N GLY B 368 39.38 11.00 -14.66
CA GLY B 368 38.98 9.61 -14.51
C GLY B 368 39.92 8.65 -15.23
N ARG B 369 40.42 9.10 -16.38
CA ARG B 369 41.31 8.28 -17.20
C ARG B 369 42.72 8.21 -16.60
N GLN B 370 43.01 9.10 -15.65
CA GLN B 370 44.31 9.13 -15.00
C GLN B 370 44.39 8.05 -13.91
C01 7P1 C . -0.43 -23.70 0.10
C02 7P1 C . 0.68 -22.86 0.73
O03 7P1 C . 1.69 -22.54 0.06
O04 7P1 C . 0.56 -22.48 1.93
C05 7P1 C . -0.10 -24.89 -0.53
C06 7P1 C . -1.08 -25.67 -1.11
C07 7P1 C . -2.41 -25.27 -1.05
C08 7P1 C . -2.74 -24.08 -0.41
C09 7P1 C . -1.76 -23.28 0.18
N10 7P1 C . -2.04 -22.05 0.84
C11 7P1 C . -3.29 -21.36 0.77
C12 7P1 C . -4.06 -21.35 -0.37
C13 7P1 C . -5.27 -20.66 -0.41
C14 7P1 C . -5.70 -19.97 0.71
C15 7P1 C . -4.93 -19.95 1.86
C16 7P1 C . -3.72 -20.64 1.89
C17 7P1 C . -2.91 -20.60 3.16
O18 7P1 C . -1.66 -20.82 3.10
O19 7P1 C . -3.46 -20.34 4.24
O20 7P1 C . -6.93 -19.27 0.63
C21 7P1 C . -7.74 -19.22 1.77
C22 7P1 C . -8.48 -17.91 1.79
C23 7P1 C . -8.01 -17.06 2.95
P24 7P1 C . -9.48 -16.45 3.82
O25 7P1 C . -9.32 -15.09 4.36
O26 7P1 C . -10.69 -16.35 2.96
O27 7P1 C . -9.88 -17.30 4.96
N1 IMD D . -6.02 -33.03 0.17
C2 IMD D . -5.90 -31.70 -0.03
N3 IMD D . -5.85 -31.48 -1.36
C4 IMD D . -5.94 -32.65 -2.00
C5 IMD D . -6.04 -33.64 -1.05
N1 IMD E . -3.03 -28.37 1.82
C2 IMD E . -4.02 -29.00 2.49
N3 IMD E . -5.07 -29.20 1.66
C4 IMD E . -4.74 -28.69 0.46
C5 IMD E . -3.45 -28.17 0.56
C01 7P1 F . 18.01 4.73 -4.26
C02 7P1 F . 16.89 4.20 -5.14
O03 7P1 F . 17.18 3.50 -6.15
O04 7P1 F . 15.70 4.47 -4.87
C05 7P1 F . 17.78 5.86 -3.48
C06 7P1 F . 18.78 6.36 -2.66
C07 7P1 F . 20.02 5.73 -2.64
C08 7P1 F . 20.25 4.61 -3.44
C09 7P1 F . 19.25 4.09 -4.24
N10 7P1 F . 19.44 2.94 -5.07
C11 7P1 F . 20.26 1.81 -4.76
C12 7P1 F . 20.96 1.67 -3.57
C13 7P1 F . 21.75 0.55 -3.34
C14 7P1 F . 21.85 -0.46 -4.29
C15 7P1 F . 21.16 -0.34 -5.48
C16 7P1 F . 20.38 0.79 -5.72
C17 7P1 F . 19.62 0.90 -7.02
O18 7P1 F . 19.45 -0.13 -7.74
O19 7P1 F . 19.20 2.02 -7.40
O20 7P1 F . 22.67 -1.57 -3.99
C21 7P1 F . 23.04 -2.40 -5.07
C22 7P1 F . 24.04 -3.44 -4.59
C23 7P1 F . 25.21 -2.76 -3.92
P24 7P1 F . 26.49 -4.00 -3.53
O25 7P1 F . 27.77 -3.43 -3.06
O26 7P1 F . 26.87 -4.84 -4.68
O27 7P1 F . 26.10 -4.97 -2.47
N1 IMD G . 16.68 2.24 14.28
C2 IMD G . 16.07 3.44 14.28
N3 IMD G . 15.03 3.39 15.14
C4 IMD G . 14.99 2.14 15.68
C5 IMD G . 16.03 1.42 15.13
N1 IMD H . 32.22 27.16 -25.53
C2 IMD H . 31.11 27.90 -25.37
N3 IMD H . 31.29 29.09 -25.97
C4 IMD H . 32.52 29.11 -26.52
C5 IMD H . 33.12 27.89 -26.24
N1 IMD I . 18.78 7.04 -6.69
C2 IMD I . 18.24 8.07 -7.38
N3 IMD I . 18.90 9.21 -7.06
C4 IMD I . 19.86 8.89 -6.16
C5 IMD I . 19.79 7.53 -5.93
#